data_6JK2
# 
_entry.id   6JK2 
# 
_audit_conform.dict_name       mmcif_pdbx.dic 
_audit_conform.dict_version    5.398 
_audit_conform.dict_location   http://mmcif.pdb.org/dictionaries/ascii/mmcif_pdbx.dic 
# 
loop_
_database_2.database_id 
_database_2.database_code 
_database_2.pdbx_database_accession 
_database_2.pdbx_DOI 
PDB   6JK2         pdb_00006jk2 10.2210/pdb6jk2/pdb 
WWPDB D_1300010485 ?            ?                   
# 
loop_
_pdbx_audit_revision_history.ordinal 
_pdbx_audit_revision_history.data_content_type 
_pdbx_audit_revision_history.major_revision 
_pdbx_audit_revision_history.minor_revision 
_pdbx_audit_revision_history.revision_date 
1 'Structure model' 1 0 2020-03-04 
2 'Structure model' 1 1 2023-12-06 
3 'Structure model' 1 2 2024-04-24 
4 'Structure model' 1 3 2024-11-20 
# 
_pdbx_audit_revision_details.ordinal             1 
_pdbx_audit_revision_details.revision_ordinal    1 
_pdbx_audit_revision_details.data_content_type   'Structure model' 
_pdbx_audit_revision_details.provider            repository 
_pdbx_audit_revision_details.type                'Initial release' 
_pdbx_audit_revision_details.description         ? 
_pdbx_audit_revision_details.details             ? 
# 
loop_
_pdbx_audit_revision_group.ordinal 
_pdbx_audit_revision_group.revision_ordinal 
_pdbx_audit_revision_group.data_content_type 
_pdbx_audit_revision_group.group 
1 2 'Structure model' 'Data collection'      
2 2 'Structure model' 'Database references'  
3 3 'Structure model' 'Derived calculations' 
4 4 'Structure model' 'Structure summary'    
# 
loop_
_pdbx_audit_revision_category.ordinal 
_pdbx_audit_revision_category.revision_ordinal 
_pdbx_audit_revision_category.data_content_type 
_pdbx_audit_revision_category.category 
1  2 'Structure model' chem_comp_atom            
2  2 'Structure model' chem_comp_bond            
3  2 'Structure model' citation                  
4  2 'Structure model' citation_author           
5  2 'Structure model' database_2                
6  3 'Structure model' pdbx_struct_assembly      
7  3 'Structure model' pdbx_struct_assembly_gen  
8  3 'Structure model' pdbx_struct_assembly_prop 
9  3 'Structure model' pdbx_struct_oper_list     
10 4 'Structure model' pdbx_entry_details        
11 4 'Structure model' pdbx_modification_feature 
# 
loop_
_pdbx_audit_revision_item.ordinal 
_pdbx_audit_revision_item.revision_ordinal 
_pdbx_audit_revision_item.data_content_type 
_pdbx_audit_revision_item.item 
1  2 'Structure model' '_citation.country'                         
2  2 'Structure model' '_citation.journal_abbrev'                  
3  2 'Structure model' '_citation.journal_id_ASTM'                 
4  2 'Structure model' '_citation.journal_id_CSD'                  
5  2 'Structure model' '_citation.journal_id_ISSN'                 
6  2 'Structure model' '_citation.journal_volume'                  
7  2 'Structure model' '_citation.page_first'                      
8  2 'Structure model' '_citation.page_last'                       
9  2 'Structure model' '_citation.pdbx_database_id_DOI'            
10 2 'Structure model' '_citation.pdbx_database_id_PubMed'         
11 2 'Structure model' '_citation.title'                           
12 2 'Structure model' '_citation.year'                            
13 2 'Structure model' '_citation_author.identifier_ORCID'         
14 2 'Structure model' '_citation_author.name'                     
15 2 'Structure model' '_database_2.pdbx_DOI'                      
16 2 'Structure model' '_database_2.pdbx_database_accession'       
17 3 'Structure model' '_pdbx_struct_assembly.oligomeric_count'    
18 3 'Structure model' '_pdbx_struct_assembly.oligomeric_details'  
19 3 'Structure model' '_pdbx_struct_assembly_gen.oper_expression' 
20 3 'Structure model' '_pdbx_struct_assembly_prop.value'          
# 
_pdbx_database_status.status_code                     REL 
_pdbx_database_status.status_code_sf                  REL 
_pdbx_database_status.status_code_mr                  ? 
_pdbx_database_status.entry_id                        6JK2 
_pdbx_database_status.recvd_initial_deposition_date   2019-02-27 
_pdbx_database_status.SG_entry                        N 
_pdbx_database_status.deposit_site                    PDBJ 
_pdbx_database_status.process_site                    PDBJ 
_pdbx_database_status.status_code_cs                  ? 
_pdbx_database_status.methods_development_category    ? 
_pdbx_database_status.pdb_format_compatible           Y 
_pdbx_database_status.status_code_nmr_data            ? 
# 
loop_
_audit_author.name 
_audit_author.pdbx_ordinal 
_audit_author.identifier_ORCID 
'Lou, Y.C.'   1 ?                   
'Chou, C.C.'  2 ?                   
'Yeh, H.H.'   3 ?                   
'Chien, C.Y.' 4 ?                   
'Sushant, S.' 5 ?                   
'Chen, C.'    6 ?                   
'Hsu, C.H.'   7 0000-0002-0008-7383 
# 
_citation.abstract                  ? 
_citation.abstract_id_CAS           ? 
_citation.book_id_ISBN              ? 
_citation.book_publisher            ? 
_citation.book_publisher_city       ? 
_citation.book_title                ? 
_citation.coordinate_linkage        ? 
_citation.country                   UK 
_citation.database_id_Medline       ? 
_citation.details                   ? 
_citation.id                        primary 
_citation.journal_abbrev            Int.J.Biol.Macromol. 
_citation.journal_id_ASTM           IJBMDR 
_citation.journal_id_CSD            0708 
_citation.journal_id_ISSN           0141-8130 
_citation.journal_full              ? 
_citation.journal_issue             ? 
_citation.journal_volume            255 
_citation.language                  ? 
_citation.page_first                128309 
_citation.page_last                 128309 
_citation.title                     
'Structural insights into the role of N-terminal integrity in PhoSL for core-fucosylated N-glycan recognition.' 
_citation.year                      2023 
_citation.database_id_CSD           ? 
_citation.pdbx_database_id_DOI      10.1016/j.ijbiomac.2023.128309 
_citation.pdbx_database_id_PubMed   37995778 
_citation.unpublished_flag          ? 
# 
loop_
_citation_author.citation_id 
_citation_author.name 
_citation_author.ordinal 
_citation_author.identifier_ORCID 
primary 'Lou, Y.C.'   1 ? 
primary 'Tu, C.F.'    2 ? 
primary 'Chou, C.C.'  3 ? 
primary 'Yeh, H.H.'   4 ? 
primary 'Chien, C.Y.' 5 ? 
primary 'Sadotra, S.' 6 ? 
primary 'Chen, C.'    7 ? 
primary 'Yang, R.B.'  8 ? 
primary 'Hsu, C.H.'   9 ? 
# 
loop_
_entity.id 
_entity.type 
_entity.src_method 
_entity.pdbx_description 
_entity.formula_weight 
_entity.pdbx_number_of_molecules 
_entity.pdbx_ec 
_entity.pdbx_mutation 
_entity.pdbx_fragment 
_entity.details 
1 polymer     man Lectin        4451.946 1  ? ? ? ? 
2 non-polymer syn 'SULFATE ION' 96.063   2  ? ? ? ? 
3 water       nat water         18.015   43 ? ? ? ? 
# 
_entity_poly.entity_id                      1 
_entity_poly.type                           'polypeptide(L)' 
_entity_poly.nstd_linkage                   no 
_entity_poly.nstd_monomer                   no 
_entity_poly.pdbx_seq_one_letter_code       APVPVTKLVCDGDTYKCTAYLDFGDGRWVAQWDTNVFHTG 
_entity_poly.pdbx_seq_one_letter_code_can   APVPVTKLVCDGDTYKCTAYLDFGDGRWVAQWDTNVFHTG 
_entity_poly.pdbx_strand_id                 A 
_entity_poly.pdbx_target_identifier         ? 
# 
loop_
_pdbx_entity_nonpoly.entity_id 
_pdbx_entity_nonpoly.name 
_pdbx_entity_nonpoly.comp_id 
2 'SULFATE ION' SO4 
3 water         HOH 
# 
loop_
_entity_poly_seq.entity_id 
_entity_poly_seq.num 
_entity_poly_seq.mon_id 
_entity_poly_seq.hetero 
1 1  ALA n 
1 2  PRO n 
1 3  VAL n 
1 4  PRO n 
1 5  VAL n 
1 6  THR n 
1 7  LYS n 
1 8  LEU n 
1 9  VAL n 
1 10 CYS n 
1 11 ASP n 
1 12 GLY n 
1 13 ASP n 
1 14 THR n 
1 15 TYR n 
1 16 LYS n 
1 17 CYS n 
1 18 THR n 
1 19 ALA n 
1 20 TYR n 
1 21 LEU n 
1 22 ASP n 
1 23 PHE n 
1 24 GLY n 
1 25 ASP n 
1 26 GLY n 
1 27 ARG n 
1 28 TRP n 
1 29 VAL n 
1 30 ALA n 
1 31 GLN n 
1 32 TRP n 
1 33 ASP n 
1 34 THR n 
1 35 ASN n 
1 36 VAL n 
1 37 PHE n 
1 38 HIS n 
1 39 THR n 
1 40 GLY n 
# 
_entity_src_gen.entity_id                          1 
_entity_src_gen.pdbx_src_id                        1 
_entity_src_gen.pdbx_alt_source_flag               sample 
_entity_src_gen.pdbx_seq_type                      'Biological sequence' 
_entity_src_gen.pdbx_beg_seq_num                   1 
_entity_src_gen.pdbx_end_seq_num                   40 
_entity_src_gen.gene_src_common_name               ? 
_entity_src_gen.gene_src_genus                     ? 
_entity_src_gen.pdbx_gene_src_gene                 ? 
_entity_src_gen.gene_src_species                   ? 
_entity_src_gen.gene_src_strain                    ? 
_entity_src_gen.gene_src_tissue                    ? 
_entity_src_gen.gene_src_tissue_fraction           ? 
_entity_src_gen.gene_src_details                   ? 
_entity_src_gen.pdbx_gene_src_fragment             ? 
_entity_src_gen.pdbx_gene_src_scientific_name      'Pholiota squarrosa' 
_entity_src_gen.pdbx_gene_src_ncbi_taxonomy_id     75321 
_entity_src_gen.pdbx_gene_src_variant              ? 
_entity_src_gen.pdbx_gene_src_cell_line            ? 
_entity_src_gen.pdbx_gene_src_atcc                 ? 
_entity_src_gen.pdbx_gene_src_organ                ? 
_entity_src_gen.pdbx_gene_src_organelle            ? 
_entity_src_gen.pdbx_gene_src_cell                 ? 
_entity_src_gen.pdbx_gene_src_cellular_location    ? 
_entity_src_gen.host_org_common_name               ? 
_entity_src_gen.pdbx_host_org_scientific_name      'Escherichia coli' 
_entity_src_gen.pdbx_host_org_ncbi_taxonomy_id     562 
_entity_src_gen.host_org_genus                     ? 
_entity_src_gen.pdbx_host_org_gene                 ? 
_entity_src_gen.pdbx_host_org_organ                ? 
_entity_src_gen.host_org_species                   ? 
_entity_src_gen.pdbx_host_org_tissue               ? 
_entity_src_gen.pdbx_host_org_tissue_fraction      ? 
_entity_src_gen.pdbx_host_org_strain               ? 
_entity_src_gen.pdbx_host_org_variant              ? 
_entity_src_gen.pdbx_host_org_cell_line            ? 
_entity_src_gen.pdbx_host_org_atcc                 ? 
_entity_src_gen.pdbx_host_org_culture_collection   ? 
_entity_src_gen.pdbx_host_org_cell                 ? 
_entity_src_gen.pdbx_host_org_organelle            ? 
_entity_src_gen.pdbx_host_org_cellular_location    ? 
_entity_src_gen.pdbx_host_org_vector_type          ? 
_entity_src_gen.pdbx_host_org_vector               ? 
_entity_src_gen.host_org_details                   ? 
_entity_src_gen.expression_system_id               ? 
_entity_src_gen.plasmid_name                       ? 
_entity_src_gen.plasmid_details                    ? 
_entity_src_gen.pdbx_description                   ? 
# 
loop_
_chem_comp.id 
_chem_comp.type 
_chem_comp.mon_nstd_flag 
_chem_comp.name 
_chem_comp.pdbx_synonyms 
_chem_comp.formula 
_chem_comp.formula_weight 
ALA 'L-peptide linking' y ALANINE         ? 'C3 H7 N O2'     89.093  
ARG 'L-peptide linking' y ARGININE        ? 'C6 H15 N4 O2 1' 175.209 
ASN 'L-peptide linking' y ASPARAGINE      ? 'C4 H8 N2 O3'    132.118 
ASP 'L-peptide linking' y 'ASPARTIC ACID' ? 'C4 H7 N O4'     133.103 
CYS 'L-peptide linking' y CYSTEINE        ? 'C3 H7 N O2 S'   121.158 
GLN 'L-peptide linking' y GLUTAMINE       ? 'C5 H10 N2 O3'   146.144 
GLY 'peptide linking'   y GLYCINE         ? 'C2 H5 N O2'     75.067  
HIS 'L-peptide linking' y HISTIDINE       ? 'C6 H10 N3 O2 1' 156.162 
HOH non-polymer         . WATER           ? 'H2 O'           18.015  
LEU 'L-peptide linking' y LEUCINE         ? 'C6 H13 N O2'    131.173 
LYS 'L-peptide linking' y LYSINE          ? 'C6 H15 N2 O2 1' 147.195 
PHE 'L-peptide linking' y PHENYLALANINE   ? 'C9 H11 N O2'    165.189 
PRO 'L-peptide linking' y PROLINE         ? 'C5 H9 N O2'     115.130 
SO4 non-polymer         . 'SULFATE ION'   ? 'O4 S -2'        96.063  
THR 'L-peptide linking' y THREONINE       ? 'C4 H9 N O3'     119.119 
TRP 'L-peptide linking' y TRYPTOPHAN      ? 'C11 H12 N2 O2'  204.225 
TYR 'L-peptide linking' y TYROSINE        ? 'C9 H11 N O3'    181.189 
VAL 'L-peptide linking' y VALINE          ? 'C5 H11 N O2'    117.146 
# 
loop_
_pdbx_poly_seq_scheme.asym_id 
_pdbx_poly_seq_scheme.entity_id 
_pdbx_poly_seq_scheme.seq_id 
_pdbx_poly_seq_scheme.mon_id 
_pdbx_poly_seq_scheme.ndb_seq_num 
_pdbx_poly_seq_scheme.pdb_seq_num 
_pdbx_poly_seq_scheme.auth_seq_num 
_pdbx_poly_seq_scheme.pdb_mon_id 
_pdbx_poly_seq_scheme.auth_mon_id 
_pdbx_poly_seq_scheme.pdb_strand_id 
_pdbx_poly_seq_scheme.pdb_ins_code 
_pdbx_poly_seq_scheme.hetero 
A 1 1  ALA 1  1  1  ALA ALA A . n 
A 1 2  PRO 2  2  2  PRO PRO A . n 
A 1 3  VAL 3  3  3  VAL VAL A . n 
A 1 4  PRO 4  4  4  PRO PRO A . n 
A 1 5  VAL 5  5  5  VAL VAL A . n 
A 1 6  THR 6  6  6  THR THR A . n 
A 1 7  LYS 7  7  7  LYS LYS A . n 
A 1 8  LEU 8  8  8  LEU LEU A . n 
A 1 9  VAL 9  9  9  VAL VAL A . n 
A 1 10 CYS 10 10 10 CYS CYS A . n 
A 1 11 ASP 11 11 11 ASP ASP A . n 
A 1 12 GLY 12 12 12 GLY GLY A . n 
A 1 13 ASP 13 13 13 ASP ASP A . n 
A 1 14 THR 14 14 14 THR THR A . n 
A 1 15 TYR 15 15 15 TYR TYR A . n 
A 1 16 LYS 16 16 16 LYS LYS A . n 
A 1 17 CYS 17 17 17 CYS CYS A . n 
A 1 18 THR 18 18 18 THR THR A . n 
A 1 19 ALA 19 19 19 ALA ALA A . n 
A 1 20 TYR 20 20 20 TYR TYR A . n 
A 1 21 LEU 21 21 21 LEU LEU A . n 
A 1 22 ASP 22 22 22 ASP ASP A . n 
A 1 23 PHE 23 23 23 PHE PHE A . n 
A 1 24 GLY 24 24 24 GLY GLY A . n 
A 1 25 ASP 25 25 25 ASP ASP A . n 
A 1 26 GLY 26 26 26 GLY GLY A . n 
A 1 27 ARG 27 27 27 ARG ARG A . n 
A 1 28 TRP 28 28 28 TRP TRP A . n 
A 1 29 VAL 29 29 29 VAL VAL A . n 
A 1 30 ALA 30 30 30 ALA ALA A . n 
A 1 31 GLN 31 31 31 GLN GLN A . n 
A 1 32 TRP 32 32 32 TRP TRP A . n 
A 1 33 ASP 33 33 33 ASP ASP A . n 
A 1 34 THR 34 34 34 THR THR A . n 
A 1 35 ASN 35 35 35 ASN ASN A . n 
A 1 36 VAL 36 36 36 VAL VAL A . n 
A 1 37 PHE 37 37 37 PHE PHE A . n 
A 1 38 HIS 38 38 38 HIS HIS A . n 
A 1 39 THR 39 39 39 THR THR A . n 
A 1 40 GLY 40 40 40 GLY GLY A . n 
# 
loop_
_pdbx_nonpoly_scheme.asym_id 
_pdbx_nonpoly_scheme.entity_id 
_pdbx_nonpoly_scheme.mon_id 
_pdbx_nonpoly_scheme.ndb_seq_num 
_pdbx_nonpoly_scheme.pdb_seq_num 
_pdbx_nonpoly_scheme.auth_seq_num 
_pdbx_nonpoly_scheme.pdb_mon_id 
_pdbx_nonpoly_scheme.auth_mon_id 
_pdbx_nonpoly_scheme.pdb_strand_id 
_pdbx_nonpoly_scheme.pdb_ins_code 
B 2 SO4 1  101 1  SO4 SO4 A . 
C 2 SO4 1  102 2  SO4 SO4 A . 
D 3 HOH 1  201 6  HOH HOH A . 
D 3 HOH 2  202 9  HOH HOH A . 
D 3 HOH 3  203 27 HOH HOH A . 
D 3 HOH 4  204 3  HOH HOH A . 
D 3 HOH 5  205 1  HOH HOH A . 
D 3 HOH 6  206 15 HOH HOH A . 
D 3 HOH 7  207 19 HOH HOH A . 
D 3 HOH 8  208 22 HOH HOH A . 
D 3 HOH 9  209 35 HOH HOH A . 
D 3 HOH 10 210 13 HOH HOH A . 
D 3 HOH 11 211 36 HOH HOH A . 
D 3 HOH 12 212 23 HOH HOH A . 
D 3 HOH 13 213 31 HOH HOH A . 
D 3 HOH 14 214 8  HOH HOH A . 
D 3 HOH 15 215 11 HOH HOH A . 
D 3 HOH 16 216 5  HOH HOH A . 
D 3 HOH 17 217 4  HOH HOH A . 
D 3 HOH 18 218 17 HOH HOH A . 
D 3 HOH 19 219 7  HOH HOH A . 
D 3 HOH 20 220 34 HOH HOH A . 
D 3 HOH 21 221 40 HOH HOH A . 
D 3 HOH 22 222 2  HOH HOH A . 
D 3 HOH 23 223 12 HOH HOH A . 
D 3 HOH 24 224 28 HOH HOH A . 
D 3 HOH 25 225 30 HOH HOH A . 
D 3 HOH 26 226 14 HOH HOH A . 
D 3 HOH 27 227 18 HOH HOH A . 
D 3 HOH 28 228 24 HOH HOH A . 
D 3 HOH 29 229 32 HOH HOH A . 
D 3 HOH 30 230 10 HOH HOH A . 
D 3 HOH 31 231 39 HOH HOH A . 
D 3 HOH 32 232 25 HOH HOH A . 
D 3 HOH 33 233 20 HOH HOH A . 
D 3 HOH 34 234 29 HOH HOH A . 
D 3 HOH 35 235 47 HOH HOH A . 
D 3 HOH 36 236 33 HOH HOH A . 
D 3 HOH 37 237 26 HOH HOH A . 
D 3 HOH 38 238 48 HOH HOH A . 
D 3 HOH 39 239 37 HOH HOH A . 
D 3 HOH 40 240 41 HOH HOH A . 
D 3 HOH 41 241 21 HOH HOH A . 
D 3 HOH 42 242 42 HOH HOH A . 
D 3 HOH 43 243 38 HOH HOH A . 
# 
loop_
_software.citation_id 
_software.classification 
_software.compiler_name 
_software.compiler_version 
_software.contact_author 
_software.contact_author_email 
_software.date 
_software.description 
_software.dependencies 
_software.hardware 
_software.language 
_software.location 
_software.mods 
_software.name 
_software.os 
_software.os_version 
_software.type 
_software.version 
_software.pdbx_ordinal 
? refinement       ? ? ? ? ? ? ? ? ? ? ? PHENIX   ? ? ? 1.13-2998 1 
? 'data reduction' ? ? ? ? ? ? ? ? ? ? ? HKL-2000 ? ? ? .         2 
? 'data scaling'   ? ? ? ? ? ? ? ? ? ? ? HKL-2000 ? ? ? .         3 
? phasing          ? ? ? ? ? ? ? ? ? ? ? AutoSol  ? ? ? .         4 
# 
_cell.angle_alpha                  90.00 
_cell.angle_alpha_esd              ? 
_cell.angle_beta                   90.00 
_cell.angle_beta_esd               ? 
_cell.angle_gamma                  120.00 
_cell.angle_gamma_esd              ? 
_cell.entry_id                     6JK2 
_cell.details                      ? 
_cell.formula_units_Z              ? 
_cell.length_a                     42.475 
_cell.length_a_esd                 ? 
_cell.length_b                     42.475 
_cell.length_b_esd                 ? 
_cell.length_c                     37.704 
_cell.length_c_esd                 ? 
_cell.volume                       ? 
_cell.volume_esd                   ? 
_cell.Z_PDB                        6 
_cell.reciprocal_angle_alpha       ? 
_cell.reciprocal_angle_beta        ? 
_cell.reciprocal_angle_gamma       ? 
_cell.reciprocal_angle_alpha_esd   ? 
_cell.reciprocal_angle_beta_esd    ? 
_cell.reciprocal_angle_gamma_esd   ? 
_cell.reciprocal_length_a          ? 
_cell.reciprocal_length_b          ? 
_cell.reciprocal_length_c          ? 
_cell.reciprocal_length_a_esd      ? 
_cell.reciprocal_length_b_esd      ? 
_cell.reciprocal_length_c_esd      ? 
_cell.pdbx_unique_axis             ? 
# 
_symmetry.entry_id                         6JK2 
_symmetry.cell_setting                     ? 
_symmetry.Int_Tables_number                173 
_symmetry.space_group_name_Hall            ? 
_symmetry.space_group_name_H-M             'P 63' 
_symmetry.pdbx_full_space_group_name_H-M   ? 
# 
_exptl.absorpt_coefficient_mu     ? 
_exptl.absorpt_correction_T_max   ? 
_exptl.absorpt_correction_T_min   ? 
_exptl.absorpt_correction_type    ? 
_exptl.absorpt_process_details    ? 
_exptl.entry_id                   6JK2 
_exptl.crystals_number            1 
_exptl.details                    ? 
_exptl.method                     'X-RAY DIFFRACTION' 
_exptl.method_details             ? 
# 
_exptl_crystal.colour                      ? 
_exptl_crystal.density_diffrn              ? 
_exptl_crystal.density_Matthews            2.21 
_exptl_crystal.density_method              ? 
_exptl_crystal.density_percent_sol         44.23 
_exptl_crystal.description                 ? 
_exptl_crystal.F_000                       ? 
_exptl_crystal.id                          1 
_exptl_crystal.preparation                 ? 
_exptl_crystal.size_max                    ? 
_exptl_crystal.size_mid                    ? 
_exptl_crystal.size_min                    ? 
_exptl_crystal.size_rad                    ? 
_exptl_crystal.colour_lustre               ? 
_exptl_crystal.colour_modifier             ? 
_exptl_crystal.colour_primary              ? 
_exptl_crystal.density_meas                ? 
_exptl_crystal.density_meas_esd            ? 
_exptl_crystal.density_meas_gt             ? 
_exptl_crystal.density_meas_lt             ? 
_exptl_crystal.density_meas_temp           ? 
_exptl_crystal.density_meas_temp_esd       ? 
_exptl_crystal.density_meas_temp_gt        ? 
_exptl_crystal.density_meas_temp_lt        ? 
_exptl_crystal.pdbx_crystal_image_url      ? 
_exptl_crystal.pdbx_crystal_image_format   ? 
_exptl_crystal.pdbx_mosaicity              ? 
_exptl_crystal.pdbx_mosaicity_esd          ? 
# 
_exptl_crystal_grow.apparatus       ? 
_exptl_crystal_grow.atmosphere      ? 
_exptl_crystal_grow.crystal_id      1 
_exptl_crystal_grow.details         ? 
_exptl_crystal_grow.method          'VAPOR DIFFUSION, SITTING DROP' 
_exptl_crystal_grow.method_ref      ? 
_exptl_crystal_grow.pH              ? 
_exptl_crystal_grow.pressure        ? 
_exptl_crystal_grow.pressure_esd    ? 
_exptl_crystal_grow.seeding         ? 
_exptl_crystal_grow.seeding_ref     ? 
_exptl_crystal_grow.temp            283 
_exptl_crystal_grow.temp_details    ? 
_exptl_crystal_grow.temp_esd        ? 
_exptl_crystal_grow.time            ? 
_exptl_crystal_grow.pdbx_details    '0.2M Ammonium sulfate, 30% w/v Polyethylene glycol 8000' 
_exptl_crystal_grow.pdbx_pH_range   ? 
# 
_diffrn.ambient_environment              ? 
_diffrn.ambient_temp                     100 
_diffrn.ambient_temp_details             ? 
_diffrn.ambient_temp_esd                 ? 
_diffrn.crystal_id                       1 
_diffrn.crystal_support                  ? 
_diffrn.crystal_treatment                ? 
_diffrn.details                          ? 
_diffrn.id                               1 
_diffrn.ambient_pressure                 ? 
_diffrn.ambient_pressure_esd             ? 
_diffrn.ambient_pressure_gt              ? 
_diffrn.ambient_pressure_lt              ? 
_diffrn.ambient_temp_gt                  ? 
_diffrn.ambient_temp_lt                  ? 
_diffrn.pdbx_serial_crystal_experiment   N 
# 
_diffrn_detector.details                      ? 
_diffrn_detector.detector                     CCD 
_diffrn_detector.diffrn_id                    1 
_diffrn_detector.type                         'RAYONIX MX300-HS' 
_diffrn_detector.area_resol_mean              ? 
_diffrn_detector.dtime                        ? 
_diffrn_detector.pdbx_frames_total            ? 
_diffrn_detector.pdbx_collection_time_total   ? 
_diffrn_detector.pdbx_collection_date         2018-09-07 
_diffrn_detector.pdbx_frequency               ? 
# 
_diffrn_radiation.collimation                      ? 
_diffrn_radiation.diffrn_id                        1 
_diffrn_radiation.filter_edge                      ? 
_diffrn_radiation.inhomogeneity                    ? 
_diffrn_radiation.monochromator                    ? 
_diffrn_radiation.polarisn_norm                    ? 
_diffrn_radiation.polarisn_ratio                   ? 
_diffrn_radiation.probe                            ? 
_diffrn_radiation.type                             ? 
_diffrn_radiation.xray_symbol                      ? 
_diffrn_radiation.wavelength_id                    1 
_diffrn_radiation.pdbx_monochromatic_or_laue_m_l   M 
_diffrn_radiation.pdbx_wavelength_list             ? 
_diffrn_radiation.pdbx_wavelength                  ? 
_diffrn_radiation.pdbx_diffrn_protocol             'SINGLE WAVELENGTH' 
_diffrn_radiation.pdbx_analyzer                    ? 
_diffrn_radiation.pdbx_scattering_type             x-ray 
# 
_diffrn_radiation_wavelength.id           1 
_diffrn_radiation_wavelength.wavelength   1.7 
_diffrn_radiation_wavelength.wt           1.0 
# 
_diffrn_source.current                     ? 
_diffrn_source.details                     ? 
_diffrn_source.diffrn_id                   1 
_diffrn_source.power                       ? 
_diffrn_source.size                        ? 
_diffrn_source.source                      SYNCHROTRON 
_diffrn_source.target                      ? 
_diffrn_source.type                        'NSRRC BEAMLINE TPS 05A' 
_diffrn_source.voltage                     ? 
_diffrn_source.take-off_angle              ? 
_diffrn_source.pdbx_wavelength_list        1.7 
_diffrn_source.pdbx_wavelength             ? 
_diffrn_source.pdbx_synchrotron_beamline   'TPS 05A' 
_diffrn_source.pdbx_synchrotron_site       NSRRC 
# 
_reflns.B_iso_Wilson_estimate            ? 
_reflns.entry_id                         6JK2 
_reflns.data_reduction_details           ? 
_reflns.data_reduction_method            ? 
_reflns.d_resolution_high                1.06 
_reflns.d_resolution_low                 30 
_reflns.details                          ? 
_reflns.limit_h_max                      ? 
_reflns.limit_h_min                      ? 
_reflns.limit_k_max                      ? 
_reflns.limit_k_min                      ? 
_reflns.limit_l_max                      ? 
_reflns.limit_l_min                      ? 
_reflns.number_all                       ? 
_reflns.number_obs                       17498 
_reflns.observed_criterion               ? 
_reflns.observed_criterion_F_max         ? 
_reflns.observed_criterion_F_min         ? 
_reflns.observed_criterion_I_max         ? 
_reflns.observed_criterion_I_min         ? 
_reflns.observed_criterion_sigma_F       ? 
_reflns.observed_criterion_sigma_I       ? 
_reflns.percent_possible_obs             99.3 
_reflns.R_free_details                   ? 
_reflns.Rmerge_F_all                     ? 
_reflns.Rmerge_F_obs                     ? 
_reflns.Friedel_coverage                 ? 
_reflns.number_gt                        ? 
_reflns.threshold_expression             ? 
_reflns.pdbx_redundancy                  21.2 
_reflns.pdbx_Rmerge_I_obs                0.036 
_reflns.pdbx_Rmerge_I_all                ? 
_reflns.pdbx_Rsym_value                  ? 
_reflns.pdbx_netI_over_av_sigmaI         ? 
_reflns.pdbx_netI_over_sigmaI            77.87 
_reflns.pdbx_res_netI_over_av_sigmaI_2   ? 
_reflns.pdbx_res_netI_over_sigmaI_2      ? 
_reflns.pdbx_chi_squared                 ? 
_reflns.pdbx_scaling_rejects             ? 
_reflns.pdbx_d_res_high_opt              ? 
_reflns.pdbx_d_res_low_opt               ? 
_reflns.pdbx_d_res_opt_method            ? 
_reflns.phase_calculation_details        ? 
_reflns.pdbx_Rrim_I_all                  ? 
_reflns.pdbx_Rpim_I_all                  ? 
_reflns.pdbx_d_opt                       ? 
_reflns.pdbx_number_measured_all         ? 
_reflns.pdbx_diffrn_id                   1 
_reflns.pdbx_ordinal                     1 
_reflns.pdbx_CC_half                     0.997 
_reflns.pdbx_R_split                     ? 
# 
_reflns_shell.d_res_high                  1.06 
_reflns_shell.d_res_low                   1.10 
_reflns_shell.meanI_over_sigI_all         ? 
_reflns_shell.meanI_over_sigI_obs         14.41 
_reflns_shell.number_measured_all         ? 
_reflns_shell.number_measured_obs         ? 
_reflns_shell.number_possible             ? 
_reflns_shell.number_unique_all           ? 
_reflns_shell.number_unique_obs           1685 
_reflns_shell.percent_possible_all        96.2 
_reflns_shell.percent_possible_obs        ? 
_reflns_shell.Rmerge_F_all                ? 
_reflns_shell.Rmerge_F_obs                ? 
_reflns_shell.Rmerge_I_all                ? 
_reflns_shell.Rmerge_I_obs                0.213 
_reflns_shell.meanI_over_sigI_gt          ? 
_reflns_shell.meanI_over_uI_all           ? 
_reflns_shell.meanI_over_uI_gt            ? 
_reflns_shell.number_measured_gt          ? 
_reflns_shell.number_unique_gt            ? 
_reflns_shell.percent_possible_gt         ? 
_reflns_shell.Rmerge_F_gt                 ? 
_reflns_shell.Rmerge_I_gt                 ? 
_reflns_shell.pdbx_redundancy             19.1 
_reflns_shell.pdbx_Rsym_value             ? 
_reflns_shell.pdbx_chi_squared            ? 
_reflns_shell.pdbx_netI_over_sigmaI_all   ? 
_reflns_shell.pdbx_netI_over_sigmaI_obs   ? 
_reflns_shell.pdbx_Rrim_I_all             ? 
_reflns_shell.pdbx_Rpim_I_all             ? 
_reflns_shell.pdbx_rejects                ? 
_reflns_shell.pdbx_ordinal                1 
_reflns_shell.pdbx_diffrn_id              1 
_reflns_shell.pdbx_CC_half                0.993 
_reflns_shell.pdbx_R_split                ? 
# 
_refine.aniso_B[1][1]                            -0.19 
_refine.aniso_B[1][2]                            -0.09 
_refine.aniso_B[1][3]                            -0.00 
_refine.aniso_B[2][2]                            -0.19 
_refine.aniso_B[2][3]                            0.00 
_refine.aniso_B[3][3]                            0.61 
_refine.B_iso_max                                ? 
_refine.B_iso_mean                               17.174 
_refine.B_iso_min                                ? 
_refine.correlation_coeff_Fo_to_Fc               0.975 
_refine.correlation_coeff_Fo_to_Fc_free          0.968 
_refine.details                                  
;HYDROGENS HAVE BEEN ADDED IN THE RIDING POSITIONS
U VALUES : REFINED INDIVIDUALLY
;
_refine.diff_density_max                         ? 
_refine.diff_density_max_esd                     ? 
_refine.diff_density_min                         ? 
_refine.diff_density_min_esd                     ? 
_refine.diff_density_rms                         ? 
_refine.diff_density_rms_esd                     ? 
_refine.entry_id                                 6JK2 
_refine.pdbx_refine_id                           'X-RAY DIFFRACTION' 
_refine.ls_abs_structure_details                 ? 
_refine.ls_abs_structure_Flack                   ? 
_refine.ls_abs_structure_Flack_esd               ? 
_refine.ls_abs_structure_Rogers                  ? 
_refine.ls_abs_structure_Rogers_esd              ? 
_refine.ls_d_res_high                            1.06 
_refine.ls_d_res_low                             21.25 
_refine.ls_extinction_coef                       ? 
_refine.ls_extinction_coef_esd                   ? 
_refine.ls_extinction_expression                 ? 
_refine.ls_extinction_method                     ? 
_refine.ls_goodness_of_fit_all                   ? 
_refine.ls_goodness_of_fit_all_esd               ? 
_refine.ls_goodness_of_fit_obs                   ? 
_refine.ls_goodness_of_fit_obs_esd               ? 
_refine.ls_hydrogen_treatment                    ? 
_refine.ls_matrix_type                           ? 
_refine.ls_number_constraints                    ? 
_refine.ls_number_parameters                     ? 
_refine.ls_number_reflns_all                     ? 
_refine.ls_number_reflns_obs                     16487 
_refine.ls_number_reflns_R_free                  895 
_refine.ls_number_reflns_R_work                  ? 
_refine.ls_number_restraints                     ? 
_refine.ls_percent_reflns_obs                    98.96 
_refine.ls_percent_reflns_R_free                 5.1 
_refine.ls_R_factor_all                          ? 
_refine.ls_R_factor_obs                          0.13695 
_refine.ls_R_factor_R_free                       0.15798 
_refine.ls_R_factor_R_free_error                 ? 
_refine.ls_R_factor_R_free_error_details         ? 
_refine.ls_R_factor_R_work                       0.13577 
_refine.ls_R_Fsqd_factor_obs                     ? 
_refine.ls_R_I_factor_obs                        ? 
_refine.ls_redundancy_reflns_all                 ? 
_refine.ls_redundancy_reflns_obs                 ? 
_refine.ls_restrained_S_all                      ? 
_refine.ls_restrained_S_obs                      ? 
_refine.ls_shift_over_esd_max                    ? 
_refine.ls_shift_over_esd_mean                   ? 
_refine.ls_structure_factor_coef                 ? 
_refine.ls_weighting_details                     ? 
_refine.ls_weighting_scheme                      ? 
_refine.ls_wR_factor_all                         ? 
_refine.ls_wR_factor_obs                         ? 
_refine.ls_wR_factor_R_free                      ? 
_refine.ls_wR_factor_R_work                      ? 
_refine.occupancy_max                            ? 
_refine.occupancy_min                            ? 
_refine.solvent_model_details                    ? 
_refine.solvent_model_param_bsol                 ? 
_refine.solvent_model_param_ksol                 ? 
_refine.ls_R_factor_gt                           ? 
_refine.ls_goodness_of_fit_gt                    ? 
_refine.ls_goodness_of_fit_ref                   ? 
_refine.ls_shift_over_su_max                     ? 
_refine.ls_shift_over_su_max_lt                  ? 
_refine.ls_shift_over_su_mean                    ? 
_refine.ls_shift_over_su_mean_lt                 ? 
_refine.pdbx_ls_sigma_I                          ? 
_refine.pdbx_ls_sigma_F                          ? 
_refine.pdbx_ls_sigma_Fsqd                       ? 
_refine.pdbx_data_cutoff_high_absF               ? 
_refine.pdbx_data_cutoff_high_rms_absF           ? 
_refine.pdbx_data_cutoff_low_absF                ? 
_refine.pdbx_isotropic_thermal_model             ? 
_refine.pdbx_ls_cross_valid_method               THROUGHOUT 
_refine.pdbx_method_to_determine_struct          SAD 
_refine.pdbx_starting_model                      ? 
_refine.pdbx_stereochemistry_target_values       ? 
_refine.pdbx_R_Free_selection_details            RANDOM 
_refine.pdbx_stereochem_target_val_spec_case     ? 
_refine.pdbx_overall_ESU_R                       0.025 
_refine.pdbx_overall_ESU_R_Free                  0.026 
_refine.pdbx_solvent_vdw_probe_radii             1.70 
_refine.pdbx_solvent_ion_probe_radii             1.00 
_refine.pdbx_solvent_shrinkage_radii             1.00 
_refine.pdbx_real_space_R                        ? 
_refine.pdbx_density_correlation                 ? 
_refine.pdbx_pd_number_of_powder_patterns        ? 
_refine.pdbx_pd_number_of_points                 ? 
_refine.pdbx_pd_meas_number_of_points            ? 
_refine.pdbx_pd_proc_ls_prof_R_factor            ? 
_refine.pdbx_pd_proc_ls_prof_wR_factor           ? 
_refine.pdbx_pd_Marquardt_correlation_coeff      ? 
_refine.pdbx_pd_Fsqrd_R_factor                   ? 
_refine.pdbx_pd_ls_matrix_band_width             ? 
_refine.pdbx_overall_phase_error                 ? 
_refine.pdbx_overall_SU_R_free_Cruickshank_DPI   ? 
_refine.pdbx_overall_SU_R_free_Blow_DPI          ? 
_refine.pdbx_overall_SU_R_Blow_DPI               ? 
_refine.pdbx_TLS_residual_ADP_flag               ? 
_refine.pdbx_diffrn_id                           1 
_refine.overall_SU_B                             0.504 
_refine.overall_SU_ML                            0.012 
_refine.overall_SU_R_Cruickshank_DPI             ? 
_refine.overall_SU_R_free                        ? 
_refine.overall_FOM_free_R_set                   ? 
_refine.overall_FOM_work_R_set                   ? 
_refine.pdbx_average_fsc_overall                 ? 
_refine.pdbx_average_fsc_work                    ? 
_refine.pdbx_average_fsc_free                    ? 
# 
_refine_hist.pdbx_refine_id                   'X-RAY DIFFRACTION' 
_refine_hist.cycle_id                         LAST 
_refine_hist.pdbx_number_atoms_protein        314 
_refine_hist.pdbx_number_atoms_nucleic_acid   0 
_refine_hist.pdbx_number_atoms_ligand         10 
_refine_hist.number_atoms_solvent             43 
_refine_hist.number_atoms_total               367 
_refine_hist.d_res_high                       1.06 
_refine_hist.d_res_low                        21.25 
# 
loop_
_refine_ls_restr.pdbx_refine_id 
_refine_ls_restr.criterion 
_refine_ls_restr.dev_ideal 
_refine_ls_restr.dev_ideal_target 
_refine_ls_restr.number 
_refine_ls_restr.rejects 
_refine_ls_restr.type 
_refine_ls_restr.weight 
_refine_ls_restr.pdbx_restraint_function 
'X-RAY DIFFRACTION' ? 0.011  0.013  333 ? r_bond_refined_d       ? ? 
'X-RAY DIFFRACTION' ? 0.001  0.017  277 ? r_bond_other_d         ? ? 
'X-RAY DIFFRACTION' ? 1.623  1.653  459 ? r_angle_refined_deg    ? ? 
'X-RAY DIFFRACTION' ? 1.561  1.598  640 ? r_angle_other_deg      ? ? 
'X-RAY DIFFRACTION' ? 7.555  5.000  39  ? r_dihedral_angle_1_deg ? ? 
'X-RAY DIFFRACTION' ? 41.642 23.125 16  ? r_dihedral_angle_2_deg ? ? 
'X-RAY DIFFRACTION' ? 8.250  15.000 42  ? r_dihedral_angle_3_deg ? ? 
'X-RAY DIFFRACTION' ? 31.267 15.000 1   ? r_dihedral_angle_4_deg ? ? 
'X-RAY DIFFRACTION' ? 0.081  0.200  41  ? r_chiral_restr         ? ? 
'X-RAY DIFFRACTION' ? 0.008  0.020  373 ? r_gen_planes_refined   ? ? 
'X-RAY DIFFRACTION' ? 0.001  0.020  74  ? r_gen_planes_other     ? ? 
'X-RAY DIFFRACTION' ? 1.032  1.572  159 ? r_mcbond_it            ? ? 
'X-RAY DIFFRACTION' ? 0.998  1.558  157 ? r_mcbond_other         ? ? 
'X-RAY DIFFRACTION' ? 1.462  2.362  197 ? r_mcangle_it           ? ? 
'X-RAY DIFFRACTION' ? 1.449  2.360  197 ? r_mcangle_other        ? ? 
'X-RAY DIFFRACTION' ? 1.941  1.837  174 ? r_scbond_it            ? ? 
'X-RAY DIFFRACTION' ? 1.889  1.804  166 ? r_scbond_other         ? ? 
'X-RAY DIFFRACTION' ? 2.450  2.642  250 ? r_scangle_other        ? ? 
'X-RAY DIFFRACTION' ? 2.811  19.645 364 ? r_long_range_B_refined ? ? 
'X-RAY DIFFRACTION' ? 2.478  18.629 351 ? r_long_range_B_other   ? ? 
'X-RAY DIFFRACTION' ? 1.722  3.000  610 ? r_rigid_bond_restr     ? ? 
# 
_refine_ls_shell.pdbx_refine_id                   'X-RAY DIFFRACTION' 
_refine_ls_shell.d_res_high                       1.062 
_refine_ls_shell.d_res_low                        1.089 
_refine_ls_shell.number_reflns_all                ? 
_refine_ls_shell.number_reflns_obs                ? 
_refine_ls_shell.number_reflns_R_free             47 
_refine_ls_shell.number_reflns_R_work             1156 
_refine_ls_shell.percent_reflns_obs               91.76 
_refine_ls_shell.percent_reflns_R_free            ? 
_refine_ls_shell.R_factor_all                     ? 
_refine_ls_shell.R_factor_obs                     ? 
_refine_ls_shell.R_factor_R_free                  0.145 
_refine_ls_shell.R_factor_R_free_error            ? 
_refine_ls_shell.R_factor_R_work                  0.163 
_refine_ls_shell.redundancy_reflns_all            ? 
_refine_ls_shell.redundancy_reflns_obs            ? 
_refine_ls_shell.wR_factor_all                    ? 
_refine_ls_shell.wR_factor_obs                    ? 
_refine_ls_shell.wR_factor_R_free                 ? 
_refine_ls_shell.wR_factor_R_work                 ? 
_refine_ls_shell.pdbx_total_number_of_bins_used   20 
_refine_ls_shell.pdbx_phase_error                 ? 
_refine_ls_shell.pdbx_fsc_work                    ? 
_refine_ls_shell.pdbx_fsc_free                    ? 
# 
_struct.entry_id                     6JK2 
_struct.title                        'Crystal structure of a mini fungal lectin, PhoSL' 
_struct.pdbx_model_details           ? 
_struct.pdbx_formula_weight          ? 
_struct.pdbx_formula_weight_method   ? 
_struct.pdbx_model_type_details      ? 
_struct.pdbx_CASP_flag               N 
# 
_struct_keywords.entry_id        6JK2 
_struct_keywords.text            'PhoSL, core-fucosylated chitobiose, SUGAR BINDING PROTEIN' 
_struct_keywords.pdbx_keywords   'SUGAR BINDING PROTEIN' 
# 
loop_
_struct_asym.id 
_struct_asym.pdbx_blank_PDB_chainid_flag 
_struct_asym.pdbx_modified 
_struct_asym.entity_id 
_struct_asym.details 
A N N 1 ? 
B N N 2 ? 
C N N 2 ? 
D N N 3 ? 
# 
_struct_ref.id                         1 
_struct_ref.db_name                    UNP 
_struct_ref.db_code                    A0A3B6UEU4_9AGAR 
_struct_ref.pdbx_db_accession          A0A3B6UEU4 
_struct_ref.pdbx_db_isoform            ? 
_struct_ref.entity_id                  1 
_struct_ref.pdbx_seq_one_letter_code   APVPVTKLVCDGDTYKCTAYLDFGDGRWVAQWDTNVFHTG 
_struct_ref.pdbx_align_begin           4 
# 
_struct_ref_seq.align_id                      1 
_struct_ref_seq.ref_id                        1 
_struct_ref_seq.pdbx_PDB_id_code              6JK2 
_struct_ref_seq.pdbx_strand_id                A 
_struct_ref_seq.seq_align_beg                 1 
_struct_ref_seq.pdbx_seq_align_beg_ins_code   ? 
_struct_ref_seq.seq_align_end                 40 
_struct_ref_seq.pdbx_seq_align_end_ins_code   ? 
_struct_ref_seq.pdbx_db_accession             A0A3B6UEU4 
_struct_ref_seq.db_align_beg                  4 
_struct_ref_seq.pdbx_db_align_beg_ins_code    ? 
_struct_ref_seq.db_align_end                  43 
_struct_ref_seq.pdbx_db_align_end_ins_code    ? 
_struct_ref_seq.pdbx_auth_seq_align_beg       1 
_struct_ref_seq.pdbx_auth_seq_align_end       40 
# 
_pdbx_struct_assembly.id                   1 
_pdbx_struct_assembly.details              author_and_software_defined_assembly 
_pdbx_struct_assembly.method_details       PISA 
_pdbx_struct_assembly.oligomeric_details   trimeric 
_pdbx_struct_assembly.oligomeric_count     3 
# 
loop_
_pdbx_struct_assembly_prop.biol_id 
_pdbx_struct_assembly_prop.type 
_pdbx_struct_assembly_prop.value 
_pdbx_struct_assembly_prop.details 
1 'ABSA (A^2)' 4990 ? 
1 MORE         -84  ? 
1 'SSA (A^2)'  6770 ? 
# 
_pdbx_struct_assembly_gen.assembly_id       1 
_pdbx_struct_assembly_gen.oper_expression   1,2,3 
_pdbx_struct_assembly_gen.asym_id_list      A,B,C,D 
# 
_pdbx_struct_assembly_auth_evidence.id                     1 
_pdbx_struct_assembly_auth_evidence.assembly_id            1 
_pdbx_struct_assembly_auth_evidence.experimental_support   'gel filtration' 
_pdbx_struct_assembly_auth_evidence.details                ? 
# 
loop_
_pdbx_struct_oper_list.id 
_pdbx_struct_oper_list.type 
_pdbx_struct_oper_list.name 
_pdbx_struct_oper_list.symmetry_operation 
_pdbx_struct_oper_list.matrix[1][1] 
_pdbx_struct_oper_list.matrix[1][2] 
_pdbx_struct_oper_list.matrix[1][3] 
_pdbx_struct_oper_list.vector[1] 
_pdbx_struct_oper_list.matrix[2][1] 
_pdbx_struct_oper_list.matrix[2][2] 
_pdbx_struct_oper_list.matrix[2][3] 
_pdbx_struct_oper_list.vector[2] 
_pdbx_struct_oper_list.matrix[3][1] 
_pdbx_struct_oper_list.matrix[3][2] 
_pdbx_struct_oper_list.matrix[3][3] 
_pdbx_struct_oper_list.vector[3] 
1 'identity operation'         1_555 x,y,z        1.0000000000  0.0000000000  0.0000000000  0.0000000000  0.0000000000  1.0000000000  0.0000000000 0.0000000000 0.0000000000  0.0000000000 1.0000000000 0.0000000000  
2 'crystal symmetry operation' 2_665 -y+1,x-y+1,z -0.4999997384 0.7778327025  -0.3807578608 -4.2337890937 -0.7772810954 -0.2091897237 0.5933580355 9.1350748393 0.3818826526  0.5926347496 0.7091894621 -4.4779462022 
3 'crystal symmetry operation' 3_565 -x+y,-x+1,z  -0.4999997384 -0.7772810954 0.3818826526  6.6936775114  0.7778327025  -0.2091897237 0.5926347496 7.8579299205 -0.3807578608 0.5933580355 0.7091894621 -3.8567062802 
# 
_struct_conn.id                            disulf1 
_struct_conn.conn_type_id                  disulf 
_struct_conn.pdbx_leaving_atom_flag        ? 
_struct_conn.pdbx_PDB_id                   ? 
_struct_conn.ptnr1_label_asym_id           A 
_struct_conn.ptnr1_label_comp_id           CYS 
_struct_conn.ptnr1_label_seq_id            10 
_struct_conn.ptnr1_label_atom_id           SG 
_struct_conn.pdbx_ptnr1_label_alt_id       ? 
_struct_conn.pdbx_ptnr1_PDB_ins_code       ? 
_struct_conn.pdbx_ptnr1_standard_comp_id   ? 
_struct_conn.ptnr1_symmetry                1_555 
_struct_conn.ptnr2_label_asym_id           A 
_struct_conn.ptnr2_label_comp_id           CYS 
_struct_conn.ptnr2_label_seq_id            17 
_struct_conn.ptnr2_label_atom_id           SG 
_struct_conn.pdbx_ptnr2_label_alt_id       ? 
_struct_conn.pdbx_ptnr2_PDB_ins_code       ? 
_struct_conn.ptnr1_auth_asym_id            A 
_struct_conn.ptnr1_auth_comp_id            CYS 
_struct_conn.ptnr1_auth_seq_id             10 
_struct_conn.ptnr2_auth_asym_id            A 
_struct_conn.ptnr2_auth_comp_id            CYS 
_struct_conn.ptnr2_auth_seq_id             17 
_struct_conn.ptnr2_symmetry                1_555 
_struct_conn.pdbx_ptnr3_label_atom_id      ? 
_struct_conn.pdbx_ptnr3_label_seq_id       ? 
_struct_conn.pdbx_ptnr3_label_comp_id      ? 
_struct_conn.pdbx_ptnr3_label_asym_id      ? 
_struct_conn.pdbx_ptnr3_label_alt_id       ? 
_struct_conn.pdbx_ptnr3_PDB_ins_code       ? 
_struct_conn.details                       ? 
_struct_conn.pdbx_dist_value               2.048 
_struct_conn.pdbx_value_order              ? 
_struct_conn.pdbx_role                     ? 
# 
_struct_conn_type.id          disulf 
_struct_conn_type.criteria    ? 
_struct_conn_type.reference   ? 
# 
_pdbx_modification_feature.ordinal                            1 
_pdbx_modification_feature.label_comp_id                      CYS 
_pdbx_modification_feature.label_asym_id                      A 
_pdbx_modification_feature.label_seq_id                       10 
_pdbx_modification_feature.label_alt_id                       ? 
_pdbx_modification_feature.modified_residue_label_comp_id     CYS 
_pdbx_modification_feature.modified_residue_label_asym_id     A 
_pdbx_modification_feature.modified_residue_label_seq_id      17 
_pdbx_modification_feature.modified_residue_label_alt_id      ? 
_pdbx_modification_feature.auth_comp_id                       CYS 
_pdbx_modification_feature.auth_asym_id                       A 
_pdbx_modification_feature.auth_seq_id                        10 
_pdbx_modification_feature.PDB_ins_code                       ? 
_pdbx_modification_feature.symmetry                           1_555 
_pdbx_modification_feature.modified_residue_auth_comp_id      CYS 
_pdbx_modification_feature.modified_residue_auth_asym_id      A 
_pdbx_modification_feature.modified_residue_auth_seq_id       17 
_pdbx_modification_feature.modified_residue_PDB_ins_code      ? 
_pdbx_modification_feature.modified_residue_symmetry          1_555 
_pdbx_modification_feature.comp_id_linking_atom               SG 
_pdbx_modification_feature.modified_residue_id_linking_atom   SG 
_pdbx_modification_feature.modified_residue_id                . 
_pdbx_modification_feature.ref_pcm_id                         . 
_pdbx_modification_feature.ref_comp_id                        . 
_pdbx_modification_feature.type                               None 
_pdbx_modification_feature.category                           'Disulfide bridge' 
# 
_struct_sheet.id               AA1 
_struct_sheet.type             ? 
_struct_sheet.number_strands   3 
_struct_sheet.details          ? 
# 
loop_
_struct_sheet_order.sheet_id 
_struct_sheet_order.range_id_1 
_struct_sheet_order.range_id_2 
_struct_sheet_order.offset 
_struct_sheet_order.sense 
AA1 1 2 ? anti-parallel 
AA1 2 3 ? anti-parallel 
# 
loop_
_struct_sheet_range.sheet_id 
_struct_sheet_range.id 
_struct_sheet_range.beg_label_comp_id 
_struct_sheet_range.beg_label_asym_id 
_struct_sheet_range.beg_label_seq_id 
_struct_sheet_range.pdbx_beg_PDB_ins_code 
_struct_sheet_range.end_label_comp_id 
_struct_sheet_range.end_label_asym_id 
_struct_sheet_range.end_label_seq_id 
_struct_sheet_range.pdbx_end_PDB_ins_code 
_struct_sheet_range.beg_auth_comp_id 
_struct_sheet_range.beg_auth_asym_id 
_struct_sheet_range.beg_auth_seq_id 
_struct_sheet_range.end_auth_comp_id 
_struct_sheet_range.end_auth_asym_id 
_struct_sheet_range.end_auth_seq_id 
AA1 1 VAL A 5  ? ASP A 11 ? VAL A 5  ASP A 11 
AA1 2 LYS A 16 ? LEU A 21 ? LYS A 16 LEU A 21 
AA1 3 VAL A 29 ? ASP A 33 ? VAL A 29 ASP A 33 
# 
loop_
_pdbx_struct_sheet_hbond.sheet_id 
_pdbx_struct_sheet_hbond.range_id_1 
_pdbx_struct_sheet_hbond.range_id_2 
_pdbx_struct_sheet_hbond.range_1_label_atom_id 
_pdbx_struct_sheet_hbond.range_1_label_comp_id 
_pdbx_struct_sheet_hbond.range_1_label_asym_id 
_pdbx_struct_sheet_hbond.range_1_label_seq_id 
_pdbx_struct_sheet_hbond.range_1_PDB_ins_code 
_pdbx_struct_sheet_hbond.range_1_auth_atom_id 
_pdbx_struct_sheet_hbond.range_1_auth_comp_id 
_pdbx_struct_sheet_hbond.range_1_auth_asym_id 
_pdbx_struct_sheet_hbond.range_1_auth_seq_id 
_pdbx_struct_sheet_hbond.range_2_label_atom_id 
_pdbx_struct_sheet_hbond.range_2_label_comp_id 
_pdbx_struct_sheet_hbond.range_2_label_asym_id 
_pdbx_struct_sheet_hbond.range_2_label_seq_id 
_pdbx_struct_sheet_hbond.range_2_PDB_ins_code 
_pdbx_struct_sheet_hbond.range_2_auth_atom_id 
_pdbx_struct_sheet_hbond.range_2_auth_comp_id 
_pdbx_struct_sheet_hbond.range_2_auth_asym_id 
_pdbx_struct_sheet_hbond.range_2_auth_seq_id 
AA1 1 2 N LYS A 7  ? N LYS A 7  O TYR A 20 ? O TYR A 20 
AA1 2 3 N ALA A 19 ? N ALA A 19 O ALA A 30 ? O ALA A 30 
# 
loop_
_struct_site.id 
_struct_site.pdbx_evidence_code 
_struct_site.pdbx_auth_asym_id 
_struct_site.pdbx_auth_comp_id 
_struct_site.pdbx_auth_seq_id 
_struct_site.pdbx_auth_ins_code 
_struct_site.pdbx_num_residues 
_struct_site.details 
AC1 Software A SO4 101 ? 7 'binding site for residue SO4 A 101' 
AC2 Software A SO4 102 ? 9 'binding site for residue SO4 A 102' 
# 
loop_
_struct_site_gen.id 
_struct_site_gen.site_id 
_struct_site_gen.pdbx_num_res 
_struct_site_gen.label_comp_id 
_struct_site_gen.label_asym_id 
_struct_site_gen.label_seq_id 
_struct_site_gen.pdbx_auth_ins_code 
_struct_site_gen.auth_comp_id 
_struct_site_gen.auth_asym_id 
_struct_site_gen.auth_seq_id 
_struct_site_gen.label_atom_id 
_struct_site_gen.label_alt_id 
_struct_site_gen.symmetry 
_struct_site_gen.details 
1  AC1 7 LYS A 16 ? LYS A 16  . ? 4_564 ? 
2  AC1 7 ARG A 27 ? ARG A 27  . ? 3_565 ? 
3  AC1 7 GLY A 40 ? GLY A 40  . ? 1_555 ? 
4  AC1 7 HOH D .  ? HOH A 201 . ? 4_564 ? 
5  AC1 7 HOH D .  ? HOH A 210 . ? 1_555 ? 
6  AC1 7 HOH D .  ? HOH A 218 . ? 4_564 ? 
7  AC1 7 HOH D .  ? HOH A 222 . ? 1_555 ? 
8  AC2 9 GLY A 24 ? GLY A 24  . ? 1_555 ? 
9  AC2 9 ASP A 25 ? ASP A 25  . ? 3_665 ? 
10 AC2 9 ASP A 25 ? ASP A 25  . ? 1_555 ? 
11 AC2 9 TRP A 28 ? TRP A 28  . ? 1_555 ? 
12 AC2 9 HIS A 38 ? HIS A 38  . ? 2_665 ? 
13 AC2 9 HIS A 38 ? HIS A 38  . ? 1_655 ? 
14 AC2 9 HOH D .  ? HOH A 231 . ? 3_665 ? 
15 AC2 9 HOH D .  ? HOH A 231 . ? 2_655 ? 
16 AC2 9 HOH D .  ? HOH A 236 . ? 4_664 ? 
# 
_pdbx_entry_details.entry_id                   6JK2 
_pdbx_entry_details.compound_details           ? 
_pdbx_entry_details.source_details             ? 
_pdbx_entry_details.nonpolymer_details         ? 
_pdbx_entry_details.sequence_details           ? 
_pdbx_entry_details.has_ligand_of_interest     ? 
_pdbx_entry_details.has_protein_modification   Y 
# 
_pdbx_validate_rmsd_angle.id                         1 
_pdbx_validate_rmsd_angle.PDB_model_num              1 
_pdbx_validate_rmsd_angle.auth_atom_id_1             CB 
_pdbx_validate_rmsd_angle.auth_asym_id_1             A 
_pdbx_validate_rmsd_angle.auth_comp_id_1             TYR 
_pdbx_validate_rmsd_angle.auth_seq_id_1              15 
_pdbx_validate_rmsd_angle.PDB_ins_code_1             ? 
_pdbx_validate_rmsd_angle.label_alt_id_1             ? 
_pdbx_validate_rmsd_angle.auth_atom_id_2             CG 
_pdbx_validate_rmsd_angle.auth_asym_id_2             A 
_pdbx_validate_rmsd_angle.auth_comp_id_2             TYR 
_pdbx_validate_rmsd_angle.auth_seq_id_2              15 
_pdbx_validate_rmsd_angle.PDB_ins_code_2             ? 
_pdbx_validate_rmsd_angle.label_alt_id_2             ? 
_pdbx_validate_rmsd_angle.auth_atom_id_3             CD1 
_pdbx_validate_rmsd_angle.auth_asym_id_3             A 
_pdbx_validate_rmsd_angle.auth_comp_id_3             TYR 
_pdbx_validate_rmsd_angle.auth_seq_id_3              15 
_pdbx_validate_rmsd_angle.PDB_ins_code_3             ? 
_pdbx_validate_rmsd_angle.label_alt_id_3             ? 
_pdbx_validate_rmsd_angle.angle_value                124.91 
_pdbx_validate_rmsd_angle.angle_target_value         121.00 
_pdbx_validate_rmsd_angle.angle_deviation            3.91 
_pdbx_validate_rmsd_angle.angle_standard_deviation   0.60 
_pdbx_validate_rmsd_angle.linker_flag                N 
# 
_pdbx_validate_torsion.id              1 
_pdbx_validate_torsion.PDB_model_num   1 
_pdbx_validate_torsion.auth_comp_id    PHE 
_pdbx_validate_torsion.auth_asym_id    A 
_pdbx_validate_torsion.auth_seq_id     23 
_pdbx_validate_torsion.PDB_ins_code    ? 
_pdbx_validate_torsion.label_alt_id    ? 
_pdbx_validate_torsion.phi             -173.34 
_pdbx_validate_torsion.psi             140.59 
# 
loop_
_chem_comp_atom.comp_id 
_chem_comp_atom.atom_id 
_chem_comp_atom.type_symbol 
_chem_comp_atom.pdbx_aromatic_flag 
_chem_comp_atom.pdbx_stereo_config 
_chem_comp_atom.pdbx_ordinal 
ALA N    N N N 1   
ALA CA   C N S 2   
ALA C    C N N 3   
ALA O    O N N 4   
ALA CB   C N N 5   
ALA OXT  O N N 6   
ALA H    H N N 7   
ALA H2   H N N 8   
ALA HA   H N N 9   
ALA HB1  H N N 10  
ALA HB2  H N N 11  
ALA HB3  H N N 12  
ALA HXT  H N N 13  
ARG N    N N N 14  
ARG CA   C N S 15  
ARG C    C N N 16  
ARG O    O N N 17  
ARG CB   C N N 18  
ARG CG   C N N 19  
ARG CD   C N N 20  
ARG NE   N N N 21  
ARG CZ   C N N 22  
ARG NH1  N N N 23  
ARG NH2  N N N 24  
ARG OXT  O N N 25  
ARG H    H N N 26  
ARG H2   H N N 27  
ARG HA   H N N 28  
ARG HB2  H N N 29  
ARG HB3  H N N 30  
ARG HG2  H N N 31  
ARG HG3  H N N 32  
ARG HD2  H N N 33  
ARG HD3  H N N 34  
ARG HE   H N N 35  
ARG HH11 H N N 36  
ARG HH12 H N N 37  
ARG HH21 H N N 38  
ARG HH22 H N N 39  
ARG HXT  H N N 40  
ASN N    N N N 41  
ASN CA   C N S 42  
ASN C    C N N 43  
ASN O    O N N 44  
ASN CB   C N N 45  
ASN CG   C N N 46  
ASN OD1  O N N 47  
ASN ND2  N N N 48  
ASN OXT  O N N 49  
ASN H    H N N 50  
ASN H2   H N N 51  
ASN HA   H N N 52  
ASN HB2  H N N 53  
ASN HB3  H N N 54  
ASN HD21 H N N 55  
ASN HD22 H N N 56  
ASN HXT  H N N 57  
ASP N    N N N 58  
ASP CA   C N S 59  
ASP C    C N N 60  
ASP O    O N N 61  
ASP CB   C N N 62  
ASP CG   C N N 63  
ASP OD1  O N N 64  
ASP OD2  O N N 65  
ASP OXT  O N N 66  
ASP H    H N N 67  
ASP H2   H N N 68  
ASP HA   H N N 69  
ASP HB2  H N N 70  
ASP HB3  H N N 71  
ASP HD2  H N N 72  
ASP HXT  H N N 73  
CYS N    N N N 74  
CYS CA   C N R 75  
CYS C    C N N 76  
CYS O    O N N 77  
CYS CB   C N N 78  
CYS SG   S N N 79  
CYS OXT  O N N 80  
CYS H    H N N 81  
CYS H2   H N N 82  
CYS HA   H N N 83  
CYS HB2  H N N 84  
CYS HB3  H N N 85  
CYS HG   H N N 86  
CYS HXT  H N N 87  
GLN N    N N N 88  
GLN CA   C N S 89  
GLN C    C N N 90  
GLN O    O N N 91  
GLN CB   C N N 92  
GLN CG   C N N 93  
GLN CD   C N N 94  
GLN OE1  O N N 95  
GLN NE2  N N N 96  
GLN OXT  O N N 97  
GLN H    H N N 98  
GLN H2   H N N 99  
GLN HA   H N N 100 
GLN HB2  H N N 101 
GLN HB3  H N N 102 
GLN HG2  H N N 103 
GLN HG3  H N N 104 
GLN HE21 H N N 105 
GLN HE22 H N N 106 
GLN HXT  H N N 107 
GLY N    N N N 108 
GLY CA   C N N 109 
GLY C    C N N 110 
GLY O    O N N 111 
GLY OXT  O N N 112 
GLY H    H N N 113 
GLY H2   H N N 114 
GLY HA2  H N N 115 
GLY HA3  H N N 116 
GLY HXT  H N N 117 
HIS N    N N N 118 
HIS CA   C N S 119 
HIS C    C N N 120 
HIS O    O N N 121 
HIS CB   C N N 122 
HIS CG   C Y N 123 
HIS ND1  N Y N 124 
HIS CD2  C Y N 125 
HIS CE1  C Y N 126 
HIS NE2  N Y N 127 
HIS OXT  O N N 128 
HIS H    H N N 129 
HIS H2   H N N 130 
HIS HA   H N N 131 
HIS HB2  H N N 132 
HIS HB3  H N N 133 
HIS HD1  H N N 134 
HIS HD2  H N N 135 
HIS HE1  H N N 136 
HIS HE2  H N N 137 
HIS HXT  H N N 138 
HOH O    O N N 139 
HOH H1   H N N 140 
HOH H2   H N N 141 
LEU N    N N N 142 
LEU CA   C N S 143 
LEU C    C N N 144 
LEU O    O N N 145 
LEU CB   C N N 146 
LEU CG   C N N 147 
LEU CD1  C N N 148 
LEU CD2  C N N 149 
LEU OXT  O N N 150 
LEU H    H N N 151 
LEU H2   H N N 152 
LEU HA   H N N 153 
LEU HB2  H N N 154 
LEU HB3  H N N 155 
LEU HG   H N N 156 
LEU HD11 H N N 157 
LEU HD12 H N N 158 
LEU HD13 H N N 159 
LEU HD21 H N N 160 
LEU HD22 H N N 161 
LEU HD23 H N N 162 
LEU HXT  H N N 163 
LYS N    N N N 164 
LYS CA   C N S 165 
LYS C    C N N 166 
LYS O    O N N 167 
LYS CB   C N N 168 
LYS CG   C N N 169 
LYS CD   C N N 170 
LYS CE   C N N 171 
LYS NZ   N N N 172 
LYS OXT  O N N 173 
LYS H    H N N 174 
LYS H2   H N N 175 
LYS HA   H N N 176 
LYS HB2  H N N 177 
LYS HB3  H N N 178 
LYS HG2  H N N 179 
LYS HG3  H N N 180 
LYS HD2  H N N 181 
LYS HD3  H N N 182 
LYS HE2  H N N 183 
LYS HE3  H N N 184 
LYS HZ1  H N N 185 
LYS HZ2  H N N 186 
LYS HZ3  H N N 187 
LYS HXT  H N N 188 
PHE N    N N N 189 
PHE CA   C N S 190 
PHE C    C N N 191 
PHE O    O N N 192 
PHE CB   C N N 193 
PHE CG   C Y N 194 
PHE CD1  C Y N 195 
PHE CD2  C Y N 196 
PHE CE1  C Y N 197 
PHE CE2  C Y N 198 
PHE CZ   C Y N 199 
PHE OXT  O N N 200 
PHE H    H N N 201 
PHE H2   H N N 202 
PHE HA   H N N 203 
PHE HB2  H N N 204 
PHE HB3  H N N 205 
PHE HD1  H N N 206 
PHE HD2  H N N 207 
PHE HE1  H N N 208 
PHE HE2  H N N 209 
PHE HZ   H N N 210 
PHE HXT  H N N 211 
PRO N    N N N 212 
PRO CA   C N S 213 
PRO C    C N N 214 
PRO O    O N N 215 
PRO CB   C N N 216 
PRO CG   C N N 217 
PRO CD   C N N 218 
PRO OXT  O N N 219 
PRO H    H N N 220 
PRO HA   H N N 221 
PRO HB2  H N N 222 
PRO HB3  H N N 223 
PRO HG2  H N N 224 
PRO HG3  H N N 225 
PRO HD2  H N N 226 
PRO HD3  H N N 227 
PRO HXT  H N N 228 
SO4 S    S N N 229 
SO4 O1   O N N 230 
SO4 O2   O N N 231 
SO4 O3   O N N 232 
SO4 O4   O N N 233 
THR N    N N N 234 
THR CA   C N S 235 
THR C    C N N 236 
THR O    O N N 237 
THR CB   C N R 238 
THR OG1  O N N 239 
THR CG2  C N N 240 
THR OXT  O N N 241 
THR H    H N N 242 
THR H2   H N N 243 
THR HA   H N N 244 
THR HB   H N N 245 
THR HG1  H N N 246 
THR HG21 H N N 247 
THR HG22 H N N 248 
THR HG23 H N N 249 
THR HXT  H N N 250 
TRP N    N N N 251 
TRP CA   C N S 252 
TRP C    C N N 253 
TRP O    O N N 254 
TRP CB   C N N 255 
TRP CG   C Y N 256 
TRP CD1  C Y N 257 
TRP CD2  C Y N 258 
TRP NE1  N Y N 259 
TRP CE2  C Y N 260 
TRP CE3  C Y N 261 
TRP CZ2  C Y N 262 
TRP CZ3  C Y N 263 
TRP CH2  C Y N 264 
TRP OXT  O N N 265 
TRP H    H N N 266 
TRP H2   H N N 267 
TRP HA   H N N 268 
TRP HB2  H N N 269 
TRP HB3  H N N 270 
TRP HD1  H N N 271 
TRP HE1  H N N 272 
TRP HE3  H N N 273 
TRP HZ2  H N N 274 
TRP HZ3  H N N 275 
TRP HH2  H N N 276 
TRP HXT  H N N 277 
TYR N    N N N 278 
TYR CA   C N S 279 
TYR C    C N N 280 
TYR O    O N N 281 
TYR CB   C N N 282 
TYR CG   C Y N 283 
TYR CD1  C Y N 284 
TYR CD2  C Y N 285 
TYR CE1  C Y N 286 
TYR CE2  C Y N 287 
TYR CZ   C Y N 288 
TYR OH   O N N 289 
TYR OXT  O N N 290 
TYR H    H N N 291 
TYR H2   H N N 292 
TYR HA   H N N 293 
TYR HB2  H N N 294 
TYR HB3  H N N 295 
TYR HD1  H N N 296 
TYR HD2  H N N 297 
TYR HE1  H N N 298 
TYR HE2  H N N 299 
TYR HH   H N N 300 
TYR HXT  H N N 301 
VAL N    N N N 302 
VAL CA   C N S 303 
VAL C    C N N 304 
VAL O    O N N 305 
VAL CB   C N N 306 
VAL CG1  C N N 307 
VAL CG2  C N N 308 
VAL OXT  O N N 309 
VAL H    H N N 310 
VAL H2   H N N 311 
VAL HA   H N N 312 
VAL HB   H N N 313 
VAL HG11 H N N 314 
VAL HG12 H N N 315 
VAL HG13 H N N 316 
VAL HG21 H N N 317 
VAL HG22 H N N 318 
VAL HG23 H N N 319 
VAL HXT  H N N 320 
# 
loop_
_chem_comp_bond.comp_id 
_chem_comp_bond.atom_id_1 
_chem_comp_bond.atom_id_2 
_chem_comp_bond.value_order 
_chem_comp_bond.pdbx_aromatic_flag 
_chem_comp_bond.pdbx_stereo_config 
_chem_comp_bond.pdbx_ordinal 
ALA N   CA   sing N N 1   
ALA N   H    sing N N 2   
ALA N   H2   sing N N 3   
ALA CA  C    sing N N 4   
ALA CA  CB   sing N N 5   
ALA CA  HA   sing N N 6   
ALA C   O    doub N N 7   
ALA C   OXT  sing N N 8   
ALA CB  HB1  sing N N 9   
ALA CB  HB2  sing N N 10  
ALA CB  HB3  sing N N 11  
ALA OXT HXT  sing N N 12  
ARG N   CA   sing N N 13  
ARG N   H    sing N N 14  
ARG N   H2   sing N N 15  
ARG CA  C    sing N N 16  
ARG CA  CB   sing N N 17  
ARG CA  HA   sing N N 18  
ARG C   O    doub N N 19  
ARG C   OXT  sing N N 20  
ARG CB  CG   sing N N 21  
ARG CB  HB2  sing N N 22  
ARG CB  HB3  sing N N 23  
ARG CG  CD   sing N N 24  
ARG CG  HG2  sing N N 25  
ARG CG  HG3  sing N N 26  
ARG CD  NE   sing N N 27  
ARG CD  HD2  sing N N 28  
ARG CD  HD3  sing N N 29  
ARG NE  CZ   sing N N 30  
ARG NE  HE   sing N N 31  
ARG CZ  NH1  sing N N 32  
ARG CZ  NH2  doub N N 33  
ARG NH1 HH11 sing N N 34  
ARG NH1 HH12 sing N N 35  
ARG NH2 HH21 sing N N 36  
ARG NH2 HH22 sing N N 37  
ARG OXT HXT  sing N N 38  
ASN N   CA   sing N N 39  
ASN N   H    sing N N 40  
ASN N   H2   sing N N 41  
ASN CA  C    sing N N 42  
ASN CA  CB   sing N N 43  
ASN CA  HA   sing N N 44  
ASN C   O    doub N N 45  
ASN C   OXT  sing N N 46  
ASN CB  CG   sing N N 47  
ASN CB  HB2  sing N N 48  
ASN CB  HB3  sing N N 49  
ASN CG  OD1  doub N N 50  
ASN CG  ND2  sing N N 51  
ASN ND2 HD21 sing N N 52  
ASN ND2 HD22 sing N N 53  
ASN OXT HXT  sing N N 54  
ASP N   CA   sing N N 55  
ASP N   H    sing N N 56  
ASP N   H2   sing N N 57  
ASP CA  C    sing N N 58  
ASP CA  CB   sing N N 59  
ASP CA  HA   sing N N 60  
ASP C   O    doub N N 61  
ASP C   OXT  sing N N 62  
ASP CB  CG   sing N N 63  
ASP CB  HB2  sing N N 64  
ASP CB  HB3  sing N N 65  
ASP CG  OD1  doub N N 66  
ASP CG  OD2  sing N N 67  
ASP OD2 HD2  sing N N 68  
ASP OXT HXT  sing N N 69  
CYS N   CA   sing N N 70  
CYS N   H    sing N N 71  
CYS N   H2   sing N N 72  
CYS CA  C    sing N N 73  
CYS CA  CB   sing N N 74  
CYS CA  HA   sing N N 75  
CYS C   O    doub N N 76  
CYS C   OXT  sing N N 77  
CYS CB  SG   sing N N 78  
CYS CB  HB2  sing N N 79  
CYS CB  HB3  sing N N 80  
CYS SG  HG   sing N N 81  
CYS OXT HXT  sing N N 82  
GLN N   CA   sing N N 83  
GLN N   H    sing N N 84  
GLN N   H2   sing N N 85  
GLN CA  C    sing N N 86  
GLN CA  CB   sing N N 87  
GLN CA  HA   sing N N 88  
GLN C   O    doub N N 89  
GLN C   OXT  sing N N 90  
GLN CB  CG   sing N N 91  
GLN CB  HB2  sing N N 92  
GLN CB  HB3  sing N N 93  
GLN CG  CD   sing N N 94  
GLN CG  HG2  sing N N 95  
GLN CG  HG3  sing N N 96  
GLN CD  OE1  doub N N 97  
GLN CD  NE2  sing N N 98  
GLN NE2 HE21 sing N N 99  
GLN NE2 HE22 sing N N 100 
GLN OXT HXT  sing N N 101 
GLY N   CA   sing N N 102 
GLY N   H    sing N N 103 
GLY N   H2   sing N N 104 
GLY CA  C    sing N N 105 
GLY CA  HA2  sing N N 106 
GLY CA  HA3  sing N N 107 
GLY C   O    doub N N 108 
GLY C   OXT  sing N N 109 
GLY OXT HXT  sing N N 110 
HIS N   CA   sing N N 111 
HIS N   H    sing N N 112 
HIS N   H2   sing N N 113 
HIS CA  C    sing N N 114 
HIS CA  CB   sing N N 115 
HIS CA  HA   sing N N 116 
HIS C   O    doub N N 117 
HIS C   OXT  sing N N 118 
HIS CB  CG   sing N N 119 
HIS CB  HB2  sing N N 120 
HIS CB  HB3  sing N N 121 
HIS CG  ND1  sing Y N 122 
HIS CG  CD2  doub Y N 123 
HIS ND1 CE1  doub Y N 124 
HIS ND1 HD1  sing N N 125 
HIS CD2 NE2  sing Y N 126 
HIS CD2 HD2  sing N N 127 
HIS CE1 NE2  sing Y N 128 
HIS CE1 HE1  sing N N 129 
HIS NE2 HE2  sing N N 130 
HIS OXT HXT  sing N N 131 
HOH O   H1   sing N N 132 
HOH O   H2   sing N N 133 
LEU N   CA   sing N N 134 
LEU N   H    sing N N 135 
LEU N   H2   sing N N 136 
LEU CA  C    sing N N 137 
LEU CA  CB   sing N N 138 
LEU CA  HA   sing N N 139 
LEU C   O    doub N N 140 
LEU C   OXT  sing N N 141 
LEU CB  CG   sing N N 142 
LEU CB  HB2  sing N N 143 
LEU CB  HB3  sing N N 144 
LEU CG  CD1  sing N N 145 
LEU CG  CD2  sing N N 146 
LEU CG  HG   sing N N 147 
LEU CD1 HD11 sing N N 148 
LEU CD1 HD12 sing N N 149 
LEU CD1 HD13 sing N N 150 
LEU CD2 HD21 sing N N 151 
LEU CD2 HD22 sing N N 152 
LEU CD2 HD23 sing N N 153 
LEU OXT HXT  sing N N 154 
LYS N   CA   sing N N 155 
LYS N   H    sing N N 156 
LYS N   H2   sing N N 157 
LYS CA  C    sing N N 158 
LYS CA  CB   sing N N 159 
LYS CA  HA   sing N N 160 
LYS C   O    doub N N 161 
LYS C   OXT  sing N N 162 
LYS CB  CG   sing N N 163 
LYS CB  HB2  sing N N 164 
LYS CB  HB3  sing N N 165 
LYS CG  CD   sing N N 166 
LYS CG  HG2  sing N N 167 
LYS CG  HG3  sing N N 168 
LYS CD  CE   sing N N 169 
LYS CD  HD2  sing N N 170 
LYS CD  HD3  sing N N 171 
LYS CE  NZ   sing N N 172 
LYS CE  HE2  sing N N 173 
LYS CE  HE3  sing N N 174 
LYS NZ  HZ1  sing N N 175 
LYS NZ  HZ2  sing N N 176 
LYS NZ  HZ3  sing N N 177 
LYS OXT HXT  sing N N 178 
PHE N   CA   sing N N 179 
PHE N   H    sing N N 180 
PHE N   H2   sing N N 181 
PHE CA  C    sing N N 182 
PHE CA  CB   sing N N 183 
PHE CA  HA   sing N N 184 
PHE C   O    doub N N 185 
PHE C   OXT  sing N N 186 
PHE CB  CG   sing N N 187 
PHE CB  HB2  sing N N 188 
PHE CB  HB3  sing N N 189 
PHE CG  CD1  doub Y N 190 
PHE CG  CD2  sing Y N 191 
PHE CD1 CE1  sing Y N 192 
PHE CD1 HD1  sing N N 193 
PHE CD2 CE2  doub Y N 194 
PHE CD2 HD2  sing N N 195 
PHE CE1 CZ   doub Y N 196 
PHE CE1 HE1  sing N N 197 
PHE CE2 CZ   sing Y N 198 
PHE CE2 HE2  sing N N 199 
PHE CZ  HZ   sing N N 200 
PHE OXT HXT  sing N N 201 
PRO N   CA   sing N N 202 
PRO N   CD   sing N N 203 
PRO N   H    sing N N 204 
PRO CA  C    sing N N 205 
PRO CA  CB   sing N N 206 
PRO CA  HA   sing N N 207 
PRO C   O    doub N N 208 
PRO C   OXT  sing N N 209 
PRO CB  CG   sing N N 210 
PRO CB  HB2  sing N N 211 
PRO CB  HB3  sing N N 212 
PRO CG  CD   sing N N 213 
PRO CG  HG2  sing N N 214 
PRO CG  HG3  sing N N 215 
PRO CD  HD2  sing N N 216 
PRO CD  HD3  sing N N 217 
PRO OXT HXT  sing N N 218 
SO4 S   O1   doub N N 219 
SO4 S   O2   doub N N 220 
SO4 S   O3   sing N N 221 
SO4 S   O4   sing N N 222 
THR N   CA   sing N N 223 
THR N   H    sing N N 224 
THR N   H2   sing N N 225 
THR CA  C    sing N N 226 
THR CA  CB   sing N N 227 
THR CA  HA   sing N N 228 
THR C   O    doub N N 229 
THR C   OXT  sing N N 230 
THR CB  OG1  sing N N 231 
THR CB  CG2  sing N N 232 
THR CB  HB   sing N N 233 
THR OG1 HG1  sing N N 234 
THR CG2 HG21 sing N N 235 
THR CG2 HG22 sing N N 236 
THR CG2 HG23 sing N N 237 
THR OXT HXT  sing N N 238 
TRP N   CA   sing N N 239 
TRP N   H    sing N N 240 
TRP N   H2   sing N N 241 
TRP CA  C    sing N N 242 
TRP CA  CB   sing N N 243 
TRP CA  HA   sing N N 244 
TRP C   O    doub N N 245 
TRP C   OXT  sing N N 246 
TRP CB  CG   sing N N 247 
TRP CB  HB2  sing N N 248 
TRP CB  HB3  sing N N 249 
TRP CG  CD1  doub Y N 250 
TRP CG  CD2  sing Y N 251 
TRP CD1 NE1  sing Y N 252 
TRP CD1 HD1  sing N N 253 
TRP CD2 CE2  doub Y N 254 
TRP CD2 CE3  sing Y N 255 
TRP NE1 CE2  sing Y N 256 
TRP NE1 HE1  sing N N 257 
TRP CE2 CZ2  sing Y N 258 
TRP CE3 CZ3  doub Y N 259 
TRP CE3 HE3  sing N N 260 
TRP CZ2 CH2  doub Y N 261 
TRP CZ2 HZ2  sing N N 262 
TRP CZ3 CH2  sing Y N 263 
TRP CZ3 HZ3  sing N N 264 
TRP CH2 HH2  sing N N 265 
TRP OXT HXT  sing N N 266 
TYR N   CA   sing N N 267 
TYR N   H    sing N N 268 
TYR N   H2   sing N N 269 
TYR CA  C    sing N N 270 
TYR CA  CB   sing N N 271 
TYR CA  HA   sing N N 272 
TYR C   O    doub N N 273 
TYR C   OXT  sing N N 274 
TYR CB  CG   sing N N 275 
TYR CB  HB2  sing N N 276 
TYR CB  HB3  sing N N 277 
TYR CG  CD1  doub Y N 278 
TYR CG  CD2  sing Y N 279 
TYR CD1 CE1  sing Y N 280 
TYR CD1 HD1  sing N N 281 
TYR CD2 CE2  doub Y N 282 
TYR CD2 HD2  sing N N 283 
TYR CE1 CZ   doub Y N 284 
TYR CE1 HE1  sing N N 285 
TYR CE2 CZ   sing Y N 286 
TYR CE2 HE2  sing N N 287 
TYR CZ  OH   sing N N 288 
TYR OH  HH   sing N N 289 
TYR OXT HXT  sing N N 290 
VAL N   CA   sing N N 291 
VAL N   H    sing N N 292 
VAL N   H2   sing N N 293 
VAL CA  C    sing N N 294 
VAL CA  CB   sing N N 295 
VAL CA  HA   sing N N 296 
VAL C   O    doub N N 297 
VAL C   OXT  sing N N 298 
VAL CB  CG1  sing N N 299 
VAL CB  CG2  sing N N 300 
VAL CB  HB   sing N N 301 
VAL CG1 HG11 sing N N 302 
VAL CG1 HG12 sing N N 303 
VAL CG1 HG13 sing N N 304 
VAL CG2 HG21 sing N N 305 
VAL CG2 HG22 sing N N 306 
VAL CG2 HG23 sing N N 307 
VAL OXT HXT  sing N N 308 
# 
_atom_sites.entry_id                    6JK2 
_atom_sites.fract_transf_matrix[1][1]   -0.02621644 
_atom_sites.fract_transf_matrix[1][2]   0.00646310 
_atom_sites.fract_transf_matrix[1][3]   -0.00315737 
_atom_sites.fract_transf_matrix[2][1]   -0.00687911 
_atom_sites.fract_transf_matrix[2][2]   0.02361481 
_atom_sites.fract_transf_matrix[2][3]   -0.01157769 
_atom_sites.fract_transf_matrix[3][1]   -0.00001108 
_atom_sites.fract_transf_matrix[3][2]   -0.01167792 
_atom_sites.fract_transf_matrix[3][3]   -0.02381265 
_atom_sites.fract_transf_vector[1]      0.309456 
_atom_sites.fract_transf_vector[2]      0.506370 
_atom_sites.fract_transf_vector[3]      0.021877 
# 
loop_
_atom_type.symbol 
C 
N 
O 
S 
# 
loop_
_atom_site.group_PDB 
_atom_site.id 
_atom_site.type_symbol 
_atom_site.label_atom_id 
_atom_site.label_alt_id 
_atom_site.label_comp_id 
_atom_site.label_asym_id 
_atom_site.label_entity_id 
_atom_site.label_seq_id 
_atom_site.pdbx_PDB_ins_code 
_atom_site.Cartn_x 
_atom_site.Cartn_y 
_atom_site.Cartn_z 
_atom_site.occupancy 
_atom_site.B_iso_or_equiv 
_atom_site.pdbx_formal_charge 
_atom_site.auth_seq_id 
_atom_site.auth_comp_id 
_atom_site.auth_asym_id 
_atom_site.auth_atom_id 
_atom_site.pdbx_PDB_model_num 
ATOM   1   N N   . ALA A 1 1  ? -16.487 4.852   -3.369  1.00 25.79 ? 1   ALA A N   1 
ATOM   2   C CA  . ALA A 1 1  ? -16.199 6.255   -2.973  1.00 24.23 ? 1   ALA A CA  1 
ATOM   3   C C   . ALA A 1 1  ? -14.815 6.307   -2.348  1.00 22.27 ? 1   ALA A C   1 
ATOM   4   O O   . ALA A 1 1  ? -14.323 5.309   -1.823  1.00 23.33 ? 1   ALA A O   1 
ATOM   5   C CB  . ALA A 1 1  ? -17.248 6.760   -2.014  1.00 28.89 ? 1   ALA A CB  1 
ATOM   6   N N   . PRO A 1 2  ? -14.119 7.457   -2.402  1.00 20.22 ? 2   PRO A N   1 
ATOM   7   C CA  . PRO A 1 2  ? -12.778 7.520   -1.847  1.00 19.08 ? 2   PRO A CA  1 
ATOM   8   C C   . PRO A 1 2  ? -12.789 7.463   -0.323  1.00 17.39 ? 2   PRO A C   1 
ATOM   9   O O   . PRO A 1 2  ? -13.569 8.148   0.316   1.00 20.14 ? 2   PRO A O   1 
ATOM   10  C CB  . PRO A 1 2  ? -12.227 8.854   -2.351  1.00 21.49 ? 2   PRO A CB  1 
ATOM   11  C CG  . PRO A 1 2  ? -13.463 9.687   -2.638  1.00 22.94 ? 2   PRO A CG  1 
ATOM   12  C CD  . PRO A 1 2  ? -14.517 8.698   -3.075  1.00 22.10 ? 2   PRO A CD  1 
ATOM   13  N N   . VAL A 1 3  ? -11.897 6.649   0.216   1.00 16.03 ? 3   VAL A N   1 
ATOM   14  C CA  . VAL A 1 3  ? -11.700 6.548   1.679   1.00 15.97 ? 3   VAL A CA  1 
ATOM   15  C C   . VAL A 1 3  ? -10.241 6.806   1.991   1.00 15.37 ? 3   VAL A C   1 
ATOM   16  O O   . VAL A 1 3  ? -9.343  6.554   1.191   1.00 15.49 ? 3   VAL A O   1 
ATOM   17  C CB  . VAL A 1 3  ? -12.154 5.190   2.234   1.00 16.69 ? 3   VAL A CB  1 
ATOM   18  C CG1 . VAL A 1 3  ? -13.644 4.987   2.013   1.00 18.64 ? 3   VAL A CG1 1 
ATOM   19  C CG2 . VAL A 1 3  ? -11.379 4.022   1.653   1.00 17.15 ? 3   VAL A CG2 1 
ATOM   20  N N   . PRO A 1 4  ? -9.962  7.277   3.215   1.00 16.29 ? 4   PRO A N   1 
ATOM   21  C CA  . PRO A 1 4  ? -8.590  7.534   3.613   1.00 16.67 ? 4   PRO A CA  1 
ATOM   22  C C   . PRO A 1 4  ? -7.763  6.261   3.728   1.00 15.18 ? 4   PRO A C   1 
ATOM   23  O O   . PRO A 1 4  ? -8.268  5.193   4.037   1.00 16.72 ? 4   PRO A O   1 
ATOM   24  C CB  . PRO A 1 4  ? -8.688  8.188   4.996   1.00 20.66 ? 4   PRO A CB  1 
ATOM   25  C CG  . PRO A 1 4  ? -10.129 8.535   5.186   1.00 21.43 ? 4   PRO A CG  1 
ATOM   26  C CD  . PRO A 1 4  ? -10.928 7.654   4.263   1.00 18.22 ? 4   PRO A CD  1 
ATOM   27  N N   . VAL A 1 5  ? -6.482  6.420   3.454   1.00 16.65 ? 5   VAL A N   1 
ATOM   28  C CA  . VAL A 1 5  ? -5.462  5.397   3.750   1.00 15.40 ? 5   VAL A CA  1 
ATOM   29  C C   . VAL A 1 5  ? -4.983  5.591   5.183   1.00 16.69 ? 5   VAL A C   1 
ATOM   30  O O   . VAL A 1 5  ? -4.595  6.702   5.558   1.00 19.90 ? 5   VAL A O   1 
ATOM   31  C CB  . VAL A 1 5  ? -4.325  5.497   2.735   1.00 15.67 ? 5   VAL A CB  1 
ATOM   32  C CG1 . VAL A 1 5  ? -3.173  4.601   3.143   1.00 15.17 ? 5   VAL A CG1 1 
ATOM   33  C CG2 . VAL A 1 5  ? -4.830  5.143   1.345   1.00 16.02 ? 5   VAL A CG2 1 
ATOM   34  N N   . THR A 1 6  ? -5.006  4.521   5.962   1.00 16.14 ? 6   THR A N   1 
ATOM   35  C CA  . THR A 1 6  ? -4.555  4.516   7.370   1.00 18.53 ? 6   THR A CA  1 
ATOM   36  C C   . THR A 1 6  ? -3.081  4.144   7.502   1.00 16.67 ? 6   THR A C   1 
ATOM   37  O O   . THR A 1 6  ? -2.441  4.529   8.501   1.00 18.72 ? 6   THR A O   1 
ATOM   38  C CB  . THR A 1 6  ? -5.390  3.537   8.208   1.00 22.92 ? 6   THR A CB  1 
ATOM   39  O OG1 . THR A 1 6  ? -5.230  2.217   7.699   1.00 26.41 ? 6   THR A OG1 1 
ATOM   40  C CG2 . THR A 1 6  ? -6.856  3.908   8.211   1.00 25.30 ? 6   THR A CG2 1 
ATOM   41  N N   . LYS A 1 7  ? -2.543  3.369   6.573   1.00 15.23 ? 7   LYS A N   1 
ATOM   42  C CA  . LYS A 1 7  ? -1.146  2.920   6.662   1.00 16.16 ? 7   LYS A CA  1 
ATOM   43  C C   . LYS A 1 7  ? -0.693  2.557   5.263   1.00 14.48 ? 7   LYS A C   1 
ATOM   44  O O   . LYS A 1 7  ? -1.397  1.834   4.563   1.00 15.12 ? 7   LYS A O   1 
ATOM   45  C CB  . LYS A 1 7  ? -1.025  1.704   7.583   1.00 18.68 ? 7   LYS A CB  1 
ATOM   46  C CG  . LYS A 1 7  ? 0.389   1.205   7.832   1.00 22.81 ? 7   LYS A CG  1 
ATOM   47  C CD  . LYS A 1 7  ? 0.430   -0.035  8.713   1.00 25.61 ? 7   LYS A CD  1 
ATOM   48  C CE  . LYS A 1 7  ? 1.822   -0.533  9.044   1.00 30.61 ? 7   LYS A CE  1 
ATOM   49  N NZ  . LYS A 1 7  ? 1.790   -1.626  10.048  1.00 33.15 ? 7   LYS A NZ  1 
ATOM   50  N N   . LEU A 1 8  ? 0.465   3.064   4.882   1.00 15.08 ? 8   LEU A N   1 
ATOM   51  C CA  . LEU A 1 8  ? 1.076   2.752   3.587   1.00 13.93 ? 8   LEU A CA  1 
ATOM   52  C C   . LEU A 1 8  ? 2.394   2.031   3.839   1.00 13.46 ? 8   LEU A C   1 
ATOM   53  O O   . LEU A 1 8  ? 3.265   2.560   4.542   1.00 14.43 ? 8   LEU A O   1 
ATOM   54  C CB  . LEU A 1 8  ? 1.296   4.035   2.795   1.00 14.52 ? 8   LEU A CB  1 
ATOM   55  C CG  . LEU A 1 8  ? 1.944   3.838   1.426   1.00 14.43 ? 8   LEU A CG  1 
ATOM   56  C CD1 . LEU A 1 8  ? 1.064   3.016   0.492   1.00 15.52 ? 8   LEU A CD1 1 
ATOM   57  C CD2 . LEU A 1 8  ? 2.266   5.203   0.811   1.00 16.63 ? 8   LEU A CD2 1 
ATOM   58  N N   . VAL A 1 9  ? 2.529   0.853   3.255   1.00 13.50 ? 9   VAL A N   1 
ATOM   59  C CA  . VAL A 1 9  ? 3.768   0.056   3.351   1.00 14.13 ? 9   VAL A CA  1 
ATOM   60  C C   . VAL A 1 9  ? 4.192   -0.328  1.944   1.00 14.00 ? 9   VAL A C   1 
ATOM   61  O O   . VAL A 1 9  ? 3.369   -0.401  1.026   1.00 15.05 ? 9   VAL A O   1 
ATOM   62  C CB  . VAL A 1 9  ? 3.598   -1.185  4.235   1.00 15.28 ? 9   VAL A CB  1 
ATOM   63  C CG1 . VAL A 1 9  ? 3.276   -0.781  5.659   1.00 17.11 ? 9   VAL A CG1 1 
ATOM   64  C CG2 . VAL A 1 9  ? 2.572   -2.163  3.669   1.00 16.31 ? 9   VAL A CG2 1 
ATOM   65  N N   . CYS A 1 10 ? 5.471   -0.590  1.782   1.00 14.14 ? 10  CYS A N   1 
ATOM   66  C CA  . CYS A 1 10 ? 5.975   -1.143  0.515   1.00 14.47 ? 10  CYS A CA  1 
ATOM   67  C C   . CYS A 1 10 ? 6.941   -2.267  0.843   1.00 15.32 ? 10  CYS A C   1 
ATOM   68  O O   . CYS A 1 10 ? 7.493   -2.322  1.937   1.00 16.74 ? 10  CYS A O   1 
ATOM   69  C CB  . CYS A 1 10 ? 6.596   -0.087  -0.404  1.00 16.02 ? 10  CYS A CB  1 
ATOM   70  S SG  . CYS A 1 10 ? 5.567   1.367   -0.777  1.00 16.48 ? 10  CYS A SG  1 
ATOM   71  N N   . ASP A 1 11 ? 7.159   -3.119  -0.134  1.00 16.58 ? 11  ASP A N   1 
ATOM   72  C CA  . ASP A 1 11 ? 7.898   -4.372  0.095   1.00 16.82 ? 11  ASP A CA  1 
ATOM   73  C C   . ASP A 1 11 ? 8.907   -4.544  -1.028  1.00 16.92 ? 11  ASP A C   1 
ATOM   74  O O   . ASP A 1 11 ? 8.500   -4.752  -2.179  1.00 17.32 ? 11  ASP A O   1 
ATOM   75  C CB  . ASP A 1 11 ? 6.915   -5.529  0.185   1.00 18.63 ? 11  ASP A CB  1 
ATOM   76  C CG  . ASP A 1 11 ? 7.527   -6.824  0.671   1.00 19.83 ? 11  ASP A CG  1 
ATOM   77  O OD1 . ASP A 1 11 ? 8.723   -7.048  0.417   1.00 23.56 ? 11  ASP A OD1 1 
ATOM   78  O OD2 . ASP A 1 11 ? 6.791   -7.607  1.286   1.00 22.62 ? 11  ASP A OD2 1 
ATOM   79  N N   . GLY A 1 12 ? 10.189  -4.465  -0.690  1.00 17.56 ? 12  GLY A N   1 
ATOM   80  C CA  . GLY A 1 12 ? 11.270  -4.634  -1.677  1.00 18.91 ? 12  GLY A CA  1 
ATOM   81  C C   . GLY A 1 12 ? 11.446  -6.070  -2.128  1.00 19.30 ? 12  GLY A C   1 
ATOM   82  O O   . GLY A 1 12 ? 12.250  -6.289  -3.048  1.00 23.50 ? 12  GLY A O   1 
ATOM   83  N N   . ASP A 1 13 ? 10.765  -7.026  -1.496  1.00 19.14 ? 13  ASP A N   1 
ATOM   84  C CA  . ASP A 1 13 ? 10.822  -8.443  -1.926  1.00 20.56 ? 13  ASP A CA  1 
ATOM   85  C C   . ASP A 1 13 ? 9.693   -8.779  -2.895  1.00 20.16 ? 13  ASP A C   1 
ATOM   86  O O   . ASP A 1 13 ? 9.849   -9.719  -3.659  1.00 27.55 ? 13  ASP A O   1 
ATOM   87  C CB  . ASP A 1 13 ? 10.836  -9.359  -0.708  1.00 23.10 ? 13  ASP A CB  1 
ATOM   88  C CG  . ASP A 1 13 ? 12.089  -9.141  0.118   1.00 24.71 ? 13  ASP A CG  1 
ATOM   89  O OD1 . ASP A 1 13 ? 13.177  -9.153  -0.481  1.00 30.10 ? 13  ASP A OD1 1 
ATOM   90  O OD2 . ASP A 1 13 ? 11.966  -8.915  1.338   1.00 29.08 ? 13  ASP A OD2 1 
ATOM   91  N N   . THR A 1 14 ? 8.582   -8.067  -2.866  1.00 17.41 ? 14  THR A N   1 
ATOM   92  C CA  . THR A 1 14 ? 7.471   -8.297  -3.818  1.00 16.95 ? 14  THR A CA  1 
ATOM   93  C C   . THR A 1 14 ? 7.351   -7.173  -4.849  1.00 15.48 ? 14  THR A C   1 
ATOM   94  O O   . THR A 1 14 ? 6.604   -7.363  -5.819  1.00 16.25 ? 14  THR A O   1 
ATOM   95  C CB  . THR A 1 14 ? 6.142   -8.433  -3.075  1.00 17.56 ? 14  THR A CB  1 
ATOM   96  O OG1 . THR A 1 14 ? 5.899   -7.166  -2.471  1.00 16.99 ? 14  THR A OG1 1 
ATOM   97  C CG2 . THR A 1 14 ? 6.151   -9.539  -2.048  1.00 20.58 ? 14  THR A CG2 1 
ATOM   98  N N   . TYR A 1 15 ? 8.036   -6.050  -4.652  1.00 15.01 ? 15  TYR A N   1 
ATOM   99  C CA  . TYR A 1 15 ? 7.914   -4.872  -5.540  1.00 14.99 ? 15  TYR A CA  1 
ATOM   100 C C   . TYR A 1 15 ? 6.440   -4.467  -5.649  1.00 13.85 ? 15  TYR A C   1 
ATOM   101 O O   . TYR A 1 15 ? 5.900   -4.214  -6.737  1.00 13.94 ? 15  TYR A O   1 
ATOM   102 C CB  . TYR A 1 15 ? 8.533   -5.114  -6.918  1.00 15.83 ? 15  TYR A CB  1 
ATOM   103 C CG  . TYR A 1 15 ? 10.040  -5.109  -7.022  1.00 18.36 ? 15  TYR A CG  1 
ATOM   104 C CD1 . TYR A 1 15 ? 10.909  -5.141  -5.945  1.00 19.53 ? 15  TYR A CD1 1 
ATOM   105 C CD2 . TYR A 1 15 ? 10.613  -5.039  -8.282  1.00 25.35 ? 15  TYR A CD2 1 
ATOM   106 C CE1 . TYR A 1 15 ? 12.290  -5.128  -6.114  1.00 21.30 ? 15  TYR A CE1 1 
ATOM   107 C CE2 . TYR A 1 15 ? 11.984  -5.027  -8.469  1.00 26.46 ? 15  TYR A CE2 1 
ATOM   108 C CZ  . TYR A 1 15 ? 12.836  -5.070  -7.379  1.00 21.99 ? 15  TYR A CZ  1 
ATOM   109 O OH  . TYR A 1 15 ? 14.193  -5.052  -7.544  1.00 24.71 ? 15  TYR A OH  1 
ATOM   110 N N   . LYS A 1 16 ? 5.804   -4.336  -4.491  1.00 13.85 ? 16  LYS A N   1 
ATOM   111 C CA  . LYS A 1 16 ? 4.430   -3.832  -4.395  1.00 13.59 ? 16  LYS A CA  1 
ATOM   112 C C   . LYS A 1 16 ? 4.334   -2.904  -3.198  1.00 13.36 ? 16  LYS A C   1 
ATOM   113 O O   . LYS A 1 16 ? 5.016   -3.111  -2.175  1.00 14.85 ? 16  LYS A O   1 
ATOM   114 C CB  . LYS A 1 16 ? 3.402   -4.950  -4.233  1.00 14.16 ? 16  LYS A CB  1 
ATOM   115 C CG  . LYS A 1 16 ? 3.365   -5.887  -5.427  1.00 15.29 ? 16  LYS A CG  1 
ATOM   116 C CD  . LYS A 1 16 ? 2.326   -6.963  -5.334  1.00 17.65 ? 16  LYS A CD  1 
ATOM   117 C CE  . LYS A 1 16 ? 2.393   -7.849  -6.569  1.00 19.70 ? 16  LYS A CE  1 
ATOM   118 N NZ  . LYS A 1 16 ? 1.279   -8.821  -6.674  1.00 20.82 ? 16  LYS A NZ  1 
ATOM   119 N N   . CYS A 1 17 ? 3.435   -1.941  -3.296  1.00 12.80 ? 17  CYS A N   1 
ATOM   120 C CA  . CYS A 1 17 ? 3.001   -1.145  -2.141  1.00 12.80 ? 17  CYS A CA  1 
ATOM   121 C C   . CYS A 1 17 ? 1.562   -1.516  -1.807  1.00 12.64 ? 17  CYS A C   1 
ATOM   122 O O   . CYS A 1 17 ? 0.765   -1.834  -2.701  1.00 13.25 ? 17  CYS A O   1 
ATOM   123 C CB  . CYS A 1 17 ? 3.098   0.351   -2.382  1.00 14.03 ? 17  CYS A CB  1 
ATOM   124 S SG  . CYS A 1 17 ? 4.780   0.981   -2.627  1.00 15.58 ? 17  CYS A SG  1 
ATOM   125 N N   . THR A 1 18 ? 1.258   -1.424  -0.523  1.00 13.31 ? 18  THR A N   1 
ATOM   126 C CA  . THR A 1 18 ? -0.048  -1.791  0.037   1.00 13.55 ? 18  THR A CA  1 
ATOM   127 C C   . THR A 1 18 ? -0.535  -0.641  0.912   1.00 13.42 ? 18  THR A C   1 
ATOM   128 O O   . THR A 1 18 ? 0.177   -0.239  1.852   1.00 13.98 ? 18  THR A O   1 
ATOM   129 C CB  . THR A 1 18 ? 0.056   -3.095  0.831   1.00 14.52 ? 18  THR A CB  1 
ATOM   130 O OG1 . THR A 1 18 ? 0.631   -4.120  0.013   1.00 15.83 ? 18  THR A OG1 1 
ATOM   131 C CG2 . THR A 1 18 ? -1.288  -3.552  1.334   1.00 15.73 ? 18  THR A CG2 1 
ATOM   132 N N   . ALA A 1 19 ? -1.723  -0.152  0.605   1.00 13.41 ? 19  ALA A N   1 
ATOM   133 C CA  . ALA A 1 19 ? -2.377  0.919   1.368   1.00 12.83 ? 19  ALA A CA  1 
ATOM   134 C C   . ALA A 1 19 ? -3.559  0.314   2.109   1.00 12.64 ? 19  ALA A C   1 
ATOM   135 O O   . ALA A 1 19 ? -4.522  -0.139  1.480   1.00 13.81 ? 19  ALA A O   1 
ATOM   136 C CB  . ALA A 1 19 ? -2.832  2.006   0.431   1.00 13.66 ? 19  ALA A CB  1 
ATOM   137 N N   . TYR A 1 20 ? -3.479  0.277   3.428   1.00 13.39 ? 20  TYR A N   1 
ATOM   138 C CA  . TYR A 1 20 ? -4.595  -0.168  4.274   1.00 13.92 ? 20  TYR A CA  1 
ATOM   139 C C   . TYR A 1 20 ? -5.610  0.955   4.334   1.00 13.75 ? 20  TYR A C   1 
ATOM   140 O O   . TYR A 1 20 ? -5.245  2.121   4.555   1.00 15.45 ? 20  TYR A O   1 
ATOM   141 C CB  . TYR A 1 20 ? -4.077  -0.555  5.657   1.00 15.32 ? 20  TYR A CB  1 
ATOM   142 C CG  . TYR A 1 20 ? -3.338  -1.866  5.615   1.00 16.24 ? 20  TYR A CG  1 
ATOM   143 C CD1 . TYR A 1 20 ? -2.030  -1.922  5.174   1.00 17.82 ? 20  TYR A CD1 1 
ATOM   144 C CD2 . TYR A 1 20 ? -3.967  -3.063  5.930   1.00 17.45 ? 20  TYR A CD2 1 
ATOM   145 C CE1 . TYR A 1 20 ? -1.356  -3.131  5.071   1.00 19.71 ? 20  TYR A CE1 1 
ATOM   146 C CE2 . TYR A 1 20 ? -3.315  -4.281  5.814   1.00 19.33 ? 20  TYR A CE2 1 
ATOM   147 C CZ  . TYR A 1 20 ? -2.003  -4.314  5.380   1.00 20.17 ? 20  TYR A CZ  1 
ATOM   148 O OH  . TYR A 1 20 ? -1.358  -5.514  5.274   1.00 23.49 ? 20  TYR A OH  1 
ATOM   149 N N   . LEU A 1 21 ? -6.864  0.611   4.110   1.00 13.72 ? 21  LEU A N   1 
ATOM   150 C CA  . LEU A 1 21 ? -7.934  1.609   3.987   1.00 14.05 ? 21  LEU A CA  1 
ATOM   151 C C   . LEU A 1 21 ? -8.700  1.757   5.292   1.00 13.93 ? 21  LEU A C   1 
ATOM   152 O O   . LEU A 1 21 ? -8.864  0.799   6.050   1.00 14.84 ? 21  LEU A O   1 
ATOM   153 C CB  . LEU A 1 21 ? -8.880  1.193   2.870   1.00 14.45 ? 21  LEU A CB  1 
ATOM   154 C CG  . LEU A 1 21 ? -8.197  0.943   1.528   1.00 15.27 ? 21  LEU A CG  1 
ATOM   155 C CD1 . LEU A 1 21 ? -9.217  0.651   0.453   1.00 17.09 ? 21  LEU A CD1 1 
ATOM   156 C CD2 . LEU A 1 21 ? -7.295  2.099   1.121   1.00 15.84 ? 21  LEU A CD2 1 
ATOM   157 N N   . ASP A 1 22 ? -9.214  2.943   5.514   1.00 14.16 ? 22  ASP A N   1 
ATOM   158 C CA  . ASP A 1 22 ? -10.199 3.192   6.578   1.00 14.51 ? 22  ASP A CA  1 
ATOM   159 C C   . ASP A 1 22 ? -11.566 2.809   6.038   1.00 14.51 ? 22  ASP A C   1 
ATOM   160 O O   . ASP A 1 22 ? -12.215 3.631   5.372   1.00 15.87 ? 22  ASP A O   1 
ATOM   161 C CB  . ASP A 1 22 ? -10.153 4.648   6.982   1.00 15.81 ? 22  ASP A CB  1 
ATOM   162 C CG  . ASP A 1 22 ? -11.299 5.044   7.874   1.00 16.03 ? 22  ASP A CG  1 
ATOM   163 O OD1 . ASP A 1 22 ? -11.899 4.178   8.537   1.00 16.80 ? 22  ASP A OD1 1 
ATOM   164 O OD2 . ASP A 1 22 ? -11.567 6.266   7.906   1.00 18.77 ? 22  ASP A OD2 1 
ATOM   165 N N   . PHE A 1 23 ? -11.960 1.569   6.257   1.00 14.67 ? 23  PHE A N   1 
ATOM   166 C CA  . PHE A 1 23 ? -13.172 1.012   5.647   1.00 15.00 ? 23  PHE A CA  1 
ATOM   167 C C   . PHE A 1 23 ? -13.412 -0.373  6.243   1.00 15.02 ? 23  PHE A C   1 
ATOM   168 O O   . PHE A 1 23 ? -12.496 -1.196  6.370   1.00 15.62 ? 23  PHE A O   1 
ATOM   169 C CB  . PHE A 1 23 ? -13.018 0.898   4.130   1.00 15.31 ? 23  PHE A CB  1 
ATOM   170 C CG  . PHE A 1 23 ? -14.253 0.362   3.473   1.00 16.11 ? 23  PHE A CG  1 
ATOM   171 C CD1 . PHE A 1 23 ? -15.347 1.194   3.322   1.00 17.27 ? 23  PHE A CD1 1 
ATOM   172 C CD2 . PHE A 1 23 ? -14.344 -0.969  3.080   1.00 18.48 ? 23  PHE A CD2 1 
ATOM   173 C CE1 . PHE A 1 23 ? -16.521 0.708   2.777   1.00 19.87 ? 23  PHE A CE1 1 
ATOM   174 C CE2 . PHE A 1 23 ? -15.523 -1.452  2.545   1.00 21.01 ? 23  PHE A CE2 1 
ATOM   175 C CZ  . PHE A 1 23 ? -16.598 -0.607  2.375   1.00 21.36 ? 23  PHE A CZ  1 
ATOM   176 N N   . GLY A 1 24 ? -14.666 -0.702  6.505   1.00 15.88 ? 24  GLY A N   1 
ATOM   177 C CA  . GLY A 1 24 ? -14.985 -2.082  6.891   1.00 16.27 ? 24  GLY A CA  1 
ATOM   178 C C   . GLY A 1 24 ? -14.197 -2.521  8.121   1.00 15.72 ? 24  GLY A C   1 
ATOM   179 O O   . GLY A 1 24 ? -14.090 -1.747  9.068   1.00 16.36 ? 24  GLY A O   1 
ATOM   180 N N   . ASP A 1 25 ? -13.617 -3.712  8.067   1.00 15.86 ? 25  ASP A N   1 
ATOM   181 C CA  . ASP A 1 25 ? -12.888 -4.292  9.216   1.00 15.96 ? 25  ASP A CA  1 
ATOM   182 C C   . ASP A 1 25 ? -11.421 -3.863  9.262   1.00 15.44 ? 25  ASP A C   1 
ATOM   183 O O   . ASP A 1 25 ? -10.692 -4.391  10.101  1.00 16.51 ? 25  ASP A O   1 
ATOM   184 C CB  . ASP A 1 25 ? -13.039 -5.811  9.220   1.00 17.43 ? 25  ASP A CB  1 
ATOM   185 C CG  . ASP A 1 25 ? -12.343 -6.514  8.074   1.00 18.02 ? 25  ASP A CG  1 
ATOM   186 O OD1 . ASP A 1 25 ? -11.734 -5.828  7.244   1.00 18.34 ? 25  ASP A OD1 1 
ATOM   187 O OD2 . ASP A 1 25 ? -12.426 -7.762  8.006   1.00 20.30 ? 25  ASP A OD2 1 
ATOM   188 N N   . GLY A 1 26 ? -10.999 -2.908  8.439   1.00 15.41 ? 26  GLY A N   1 
ATOM   189 C CA  . GLY A 1 26 ? -9.608  -2.432  8.464   1.00 15.26 ? 26  GLY A CA  1 
ATOM   190 C C   . GLY A 1 26 ? -8.665  -3.287  7.634   1.00 15.11 ? 26  GLY A C   1 
ATOM   191 O O   . GLY A 1 26 ? -7.471  -2.969  7.588   1.00 16.15 ? 26  GLY A O   1 
ATOM   192 N N   . ARG A 1 27 ? -9.159  -4.347  6.984   1.00 15.18 ? 27  ARG A N   1 
ATOM   193 C CA  . ARG A 1 27 ? -8.302  -5.274  6.216   1.00 15.70 ? 27  ARG A CA  1 
ATOM   194 C C   . ARG A 1 27 ? -8.535  -5.131  4.713   1.00 15.12 ? 27  ARG A C   1 
ATOM   195 O O   . ARG A 1 27 ? -8.032  -5.978  3.960   1.00 16.92 ? 27  ARG A O   1 
ATOM   196 C CB  . ARG A 1 27 ? -8.538  -6.726  6.645   1.00 17.84 ? 27  ARG A CB  1 
ATOM   197 C CG  . ARG A 1 27 ? -7.815  -7.141  7.911   1.00 19.43 ? 27  ARG A CG  1 
ATOM   198 C CD  . ARG A 1 27 ? -8.453  -6.554  9.135   1.00 18.40 ? 27  ARG A CD  1 
ATOM   199 N NE  . ARG A 1 27 ? -7.703  -6.912  10.329  1.00 17.84 ? 27  ARG A NE  1 
ATOM   200 C CZ  . ARG A 1 27 ? -7.608  -6.155  11.403  1.00 16.02 ? 27  ARG A CZ  1 
ATOM   201 N NH1 . ARG A 1 27 ? -8.266  -5.012  11.458  1.00 16.55 ? 27  ARG A NH1 1 
ATOM   202 N NH2 . ARG A 1 27 ? -6.855  -6.551  12.409  1.00 16.99 ? 27  ARG A NH2 1 
ATOM   203 N N   . TRP A 1 28 ? -9.209  -4.076  4.277   1.00 14.06 ? 28  TRP A N   1 
ATOM   204 C CA  . TRP A 1 28 ? -9.246  -3.762  2.845   1.00 14.26 ? 28  TRP A CA  1 
ATOM   205 C C   . TRP A 1 28 ? -7.973  -3.007  2.484   1.00 13.87 ? 28  TRP A C   1 
ATOM   206 O O   . TRP A 1 28 ? -7.561  -2.092  3.214   1.00 14.71 ? 28  TRP A O   1 
ATOM   207 C CB  . TRP A 1 28 ? -10.482 -2.949  2.479   1.00 15.05 ? 28  TRP A CB  1 
ATOM   208 C CG  . TRP A 1 28 ? -11.735 -3.743  2.560   1.00 15.84 ? 28  TRP A CG  1 
ATOM   209 C CD1 . TRP A 1 28 ? -12.521 -3.937  3.654   1.00 17.79 ? 28  TRP A CD1 1 
ATOM   210 C CD2 . TRP A 1 28 ? -12.320 -4.504  1.498   1.00 17.47 ? 28  TRP A CD2 1 
ATOM   211 N NE1 . TRP A 1 28 ? -13.583 -4.739  3.336   1.00 20.47 ? 28  TRP A NE1 1 
ATOM   212 C CE2 . TRP A 1 28 ? -13.481 -5.111  2.020   1.00 19.80 ? 28  TRP A CE2 1 
ATOM   213 C CE3 . TRP A 1 28 ? -11.971 -4.726  0.163   1.00 19.59 ? 28  TRP A CE3 1 
ATOM   214 C CZ2 . TRP A 1 28 ? -14.299 -5.918  1.231   1.00 24.32 ? 28  TRP A CZ2 1 
ATOM   215 C CZ3 . TRP A 1 28 ? -12.789 -5.511  -0.617  1.00 23.19 ? 28  TRP A CZ3 1 
ATOM   216 C CH2 . TRP A 1 28 ? -13.935 -6.101  -0.084  1.00 25.67 ? 28  TRP A CH2 1 
ATOM   217 N N   . VAL A 1 29 ? -7.407  -3.401  1.360   1.00 13.56 ? 29  VAL A N   1 
ATOM   218 C CA  . VAL A 1 29 ? -6.176  -2.760  0.875   1.00 13.59 ? 29  VAL A CA  1 
ATOM   219 C C   . VAL A 1 29 ? -6.347  -2.380  -0.579  1.00 13.32 ? 29  VAL A C   1 
ATOM   220 O O   . VAL A 1 29 ? -7.031  -3.056  -1.358  1.00 14.48 ? 29  VAL A O   1 
ATOM   221 C CB  . VAL A 1 29 ? -4.933  -3.643  1.053   1.00 14.29 ? 29  VAL A CB  1 
ATOM   222 C CG1 . VAL A 1 29 ? -4.704  -3.962  2.516   1.00 15.27 ? 29  VAL A CG1 1 
ATOM   223 C CG2 . VAL A 1 29 ? -4.982  -4.912  0.203   1.00 15.67 ? 29  VAL A CG2 1 
ATOM   224 N N   . ALA A 1 30 ? -5.631  -1.342  -0.933  1.00 12.83 ? 30  ALA A N   1 
ATOM   225 C CA  . ALA A 1 30 ? -5.237  -1.080  -2.320  1.00 12.75 ? 30  ALA A CA  1 
ATOM   226 C C   . ALA A 1 30 ? -3.797  -1.545  -2.456  1.00 12.74 ? 30  ALA A C   1 
ATOM   227 O O   . ALA A 1 30 ? -2.970  -1.258  -1.593  1.00 15.49 ? 30  ALA A O   1 
ATOM   228 C CB  . ALA A 1 30 ? -5.374  0.381   -2.638  1.00 13.86 ? 30  ALA A CB  1 
ATOM   229 N N   . GLN A 1 31 ? -3.495  -2.273  -3.515  1.00 12.76 ? 31  GLN A N   1 
ATOM   230 C CA  . GLN A 1 31 ? -2.136  -2.798  -3.718  1.00 12.96 ? 31  GLN A CA  1 
ATOM   231 C C   . GLN A 1 31 ? -1.760  -2.610  -5.175  1.00 12.98 ? 31  GLN A C   1 
ATOM   232 O O   . GLN A 1 31 ? -2.564  -2.918  -6.069  1.00 14.21 ? 31  GLN A O   1 
ATOM   233 C CB  . GLN A 1 31 ? -2.073  -4.262  -3.318  1.00 13.98 ? 31  GLN A CB  1 
ATOM   234 C CG  . GLN A 1 31 ? -0.655  -4.822  -3.339  1.00 14.54 ? 31  GLN A CG  1 
ATOM   235 C CD  . GLN A 1 31 ? -0.632  -6.211  -2.754  1.00 15.37 ? 31  GLN A CD  1 
ATOM   236 O OE1 . GLN A 1 31 ? -0.317  -6.395  -1.561  1.00 18.60 ? 31  GLN A OE1 1 
ATOM   237 N NE2 . GLN A 1 31 ? -1.000  -7.189  -3.546  1.00 15.18 ? 31  GLN A NE2 1 
ATOM   238 N N   . TRP A 1 32 ? -0.561  -2.116  -5.399  1.00 12.80 ? 32  TRP A N   1 
ATOM   239 C CA  . TRP A 1 32 ? -0.087  -1.834  -6.767  1.00 13.20 ? 32  TRP A CA  1 
ATOM   240 C C   . TRP A 1 32 ? 1.375   -2.201  -6.904  1.00 13.06 ? 32  TRP A C   1 
ATOM   241 O O   . TRP A 1 32 ? 2.143   -2.241  -5.940  1.00 13.24 ? 32  TRP A O   1 
ATOM   242 C CB  . TRP A 1 32 ? -0.353  -0.371  -7.155  1.00 13.64 ? 32  TRP A CB  1 
ATOM   243 C CG  . TRP A 1 32 ? 0.333   0.651   -6.306  1.00 13.56 ? 32  TRP A CG  1 
ATOM   244 C CD1 . TRP A 1 32 ? 1.531   1.257   -6.545  1.00 14.89 ? 32  TRP A CD1 1 
ATOM   245 C CD2 . TRP A 1 32 ? -0.148  1.212   -5.078  1.00 13.11 ? 32  TRP A CD2 1 
ATOM   246 N NE1 . TRP A 1 32 ? 1.831   2.138   -5.546  1.00 14.83 ? 32  TRP A NE1 1 
ATOM   247 C CE2 . TRP A 1 32 ? 0.815   2.149   -4.646  1.00 13.62 ? 32  TRP A CE2 1 
ATOM   248 C CE3 . TRP A 1 32 ? -1.316  1.065   -4.330  1.00 13.69 ? 32  TRP A CE3 1 
ATOM   249 C CZ2 . TRP A 1 32 ? 0.653   2.906   -3.491  1.00 14.08 ? 32  TRP A CZ2 1 
ATOM   250 C CZ3 . TRP A 1 32 ? -1.482  1.822   -3.192  1.00 14.41 ? 32  TRP A CZ3 1 
ATOM   251 C CH2 . TRP A 1 32 ? -0.508  2.729   -2.772  1.00 14.18 ? 32  TRP A CH2 1 
ATOM   252 N N   . ASP A 1 33 ? 1.724   -2.456  -8.151  1.00 13.36 ? 33  ASP A N   1 
ATOM   253 C CA  . ASP A 1 33 ? 3.105   -2.739  -8.526  1.00 13.79 ? 33  ASP A CA  1 
ATOM   254 C C   . ASP A 1 33 ? 3.946   -1.476  -8.465  1.00 14.05 ? 33  ASP A C   1 
ATOM   255 O O   . ASP A 1 33 ? 3.465   -0.374  -8.809  1.00 15.26 ? 33  ASP A O   1 
ATOM   256 C CB  . ASP A 1 33 ? 3.146   -3.210  -9.966  1.00 14.31 ? 33  ASP A CB  1 
ATOM   257 C CG  . ASP A 1 33 ? 2.599   -4.575  -10.235 1.00 15.48 ? 33  ASP A CG  1 
ATOM   258 O OD1 . ASP A 1 33 ? 2.198   -5.282  -9.304  1.00 16.91 ? 33  ASP A OD1 1 
ATOM   259 O OD2 . ASP A 1 33 ? 2.624   -4.914  -11.454 1.00 18.11 ? 33  ASP A OD2 1 
ATOM   260 N N   . THR A 1 34 ? 5.197   -1.638  -8.061  1.00 13.64 ? 34  THR A N   1 
ATOM   261 C CA  . THR A 1 34 ? 6.141   -0.530  -8.051  1.00 13.89 ? 34  THR A CA  1 
ATOM   262 C C   . THR A 1 34 ? 7.523   -0.995  -8.463  1.00 13.67 ? 34  THR A C   1 
ATOM   263 O O   . THR A 1 34 ? 7.839   -2.178  -8.414  1.00 15.73 ? 34  THR A O   1 
ATOM   264 C CB  . THR A 1 34 ? 6.195   0.090   -6.662  1.00 14.97 ? 34  THR A CB  1 
ATOM   265 O OG1 . THR A 1 34 ? 6.751   -0.795  -5.683  1.00 20.18 ? 34  THR A OG1 1 
ATOM   266 C CG2 . THR A 1 34 ? 4.874   0.556   -6.148  1.00 18.50 ? 34  THR A CG2 1 
ATOM   267 N N   . ASN A 1 35 ? 8.341   -0.024  -8.819  1.00 13.67 ? 35  ASN A N   1 
ATOM   268 C CA  . ASN A 1 35 ? 9.799   -0.194  -8.840  1.00 13.94 ? 35  ASN A CA  1 
ATOM   269 C C   . ASN A 1 35 ? 10.275  -0.006  -7.406  1.00 14.06 ? 35  ASN A C   1 
ATOM   270 O O   . ASN A 1 35 ? 9.651   0.758   -6.659  1.00 14.58 ? 35  ASN A O   1 
ATOM   271 C CB  . ASN A 1 35 ? 10.450  0.823   -9.759  1.00 14.47 ? 35  ASN A CB  1 
ATOM   272 C CG  . ASN A 1 35 ? 9.920   0.697   -11.166 1.00 14.52 ? 35  ASN A CG  1 
ATOM   273 O OD1 . ASN A 1 35 ? 10.302  -0.217  -11.886 1.00 15.51 ? 35  ASN A OD1 1 
ATOM   274 N ND2 . ASN A 1 35 ? 9.026   1.595   -11.540 1.00 15.35 ? 35  ASN A ND2 1 
ATOM   275 N N   . VAL A 1 36 ? 11.341  -0.685  -7.030  1.00 14.89 ? 36  VAL A N   1 
ATOM   276 C CA  . VAL A 1 36 ? 11.997  -0.471  -5.721  1.00 15.25 ? 36  VAL A CA  1 
ATOM   277 C C   . VAL A 1 36 ? 13.484  -0.383  -5.987  1.00 15.98 ? 36  VAL A C   1 
ATOM   278 O O   . VAL A 1 36 ? 14.036  -1.279  -6.627  1.00 18.23 ? 36  VAL A O   1 
ATOM   279 C CB  . VAL A 1 36 ? 11.664  -1.563  -4.695  1.00 16.45 ? 36  VAL A CB  1 
ATOM   280 C CG1 . VAL A 1 36 ? 12.400  -1.304  -3.396  1.00 18.39 ? 36  VAL A CG1 1 
ATOM   281 C CG2 . VAL A 1 36 ? 10.159  -1.658  -4.470  1.00 16.94 ? 36  VAL A CG2 1 
ATOM   282 N N   . PHE A 1 37 ? 14.126  0.658   -5.510  1.00 15.90 ? 37  PHE A N   1 
ATOM   283 C CA  . PHE A 1 37 ? 15.569  0.815   -5.759  1.00 16.55 ? 37  PHE A CA  1 
ATOM   284 C C   . PHE A 1 37 ? 16.139  1.767   -4.728  1.00 15.68 ? 37  PHE A C   1 
ATOM   285 O O   . PHE A 1 37 ? 15.431  2.473   -3.995  1.00 15.02 ? 37  PHE A O   1 
ATOM   286 C CB  . PHE A 1 37 ? 15.853  1.267   -7.196  1.00 18.34 ? 37  PHE A CB  1 
ATOM   287 C CG  . PHE A 1 37 ? 15.201  2.567   -7.574  1.00 17.71 ? 37  PHE A CG  1 
ATOM   288 C CD1 . PHE A 1 37 ? 15.805  3.781   -7.280  1.00 18.32 ? 37  PHE A CD1 1 
ATOM   289 C CD2 . PHE A 1 37 ? 13.969  2.579   -8.197  1.00 19.09 ? 37  PHE A CD2 1 
ATOM   290 C CE1 . PHE A 1 37 ? 15.191  4.973   -7.617  1.00 19.93 ? 37  PHE A CE1 1 
ATOM   291 C CE2 . PHE A 1 37 ? 13.360  3.773   -8.529  1.00 20.57 ? 37  PHE A CE2 1 
ATOM   292 C CZ  . PHE A 1 37 ? 13.960  4.970   -8.226  1.00 19.88 ? 37  PHE A CZ  1 
ATOM   293 N N   . HIS A 1 38 ? 17.450  1.763   -4.710  1.00 16.56 ? 38  HIS A N   1 
ATOM   294 C CA  . HIS A 1 38 ? 18.236  2.597   -3.788  1.00 16.65 ? 38  HIS A CA  1 
ATOM   295 C C   . HIS A 1 38 ? 18.568  3.881   -4.537  1.00 17.38 ? 38  HIS A C   1 
ATOM   296 O O   . HIS A 1 38 ? 19.265  3.820   -5.540  1.00 21.59 ? 38  HIS A O   1 
ATOM   297 C CB  . HIS A 1 38 ? 19.446  1.790   -3.354  1.00 18.28 ? 38  HIS A CB  1 
ATOM   298 C CG  . HIS A 1 38 ? 20.096  2.276   -2.111  1.00 20.05 ? 38  HIS A CG  1 
ATOM   299 N ND1 . HIS A 1 38 ? 19.518  3.076   -1.148  1.00 24.36 ? 38  HIS A ND1 1 
ATOM   300 C CD2 . HIS A 1 38 ? 21.286  1.912   -1.620  1.00 23.57 ? 38  HIS A CD2 1 
ATOM   301 C CE1 . HIS A 1 38 ? 20.375  3.255   -0.169  1.00 23.97 ? 38  HIS A CE1 1 
ATOM   302 N NE2 . HIS A 1 38 ? 21.471  2.569   -0.444  1.00 27.98 ? 38  HIS A NE2 1 
ATOM   303 N N   . THR A 1 39 ? 17.983  4.993   -4.121  1.00 17.88 ? 39  THR A N   1 
ATOM   304 C CA  . THR A 1 39 ? 18.147  6.291   -4.813  1.00 19.49 ? 39  THR A CA  1 
ATOM   305 C C   . THR A 1 39 ? 19.366  7.027   -4.252  1.00 21.61 ? 39  THR A C   1 
ATOM   306 O O   . THR A 1 39 ? 19.977  6.559   -3.258  1.00 23.91 ? 39  THR A O   1 
ATOM   307 C CB  . THR A 1 39 ? 16.847  7.103   -4.746  1.00 21.45 ? 39  THR A CB  1 
ATOM   308 O OG1 . THR A 1 39 ? 16.902  8.109   -5.758  1.00 24.68 ? 39  THR A OG1 1 
ATOM   309 C CG2 . THR A 1 39 ? 16.595  7.750   -3.404  1.00 21.04 ? 39  THR A CG2 1 
ATOM   310 N N   . GLY A 1 40 ? 19.691  8.168   -4.853  1.00 24.09 ? 40  GLY A N   1 
ATOM   311 C CA  . GLY A 1 40 ? 20.802  9.016   -4.402  1.00 24.32 ? 40  GLY A CA  1 
ATOM   312 C C   . GLY A 1 40 ? 20.488  9.745   -3.109  1.00 25.79 ? 40  GLY A C   1 
ATOM   313 O O   . GLY A 1 40 ? 19.379  9.755   -2.577  1.00 28.14 ? 40  GLY A O   1 
ATOM   314 O OXT . GLY A 1 40 ? 21.410  10.361  -2.595  1.00 30.12 ? 40  GLY A OXT 1 
HETATM 315 S S   . SO4 B 2 .  ? 21.568  12.203  0.341   1.00 18.96 ? 101 SO4 A S   1 
HETATM 316 O O1  . SO4 B 2 .  ? 20.607  12.712  1.301   1.00 22.04 ? 101 SO4 A O1  1 
HETATM 317 O O2  . SO4 B 2 .  ? 22.885  12.686  0.672   1.00 20.15 ? 101 SO4 A O2  1 
HETATM 318 O O3  . SO4 B 2 .  ? 21.587  10.761  0.397   1.00 21.69 ? 101 SO4 A O3  1 
HETATM 319 O O4  . SO4 B 2 .  ? 21.235  12.596  -0.998  1.00 24.17 ? 101 SO4 A O4  1 
HETATM 320 S S   . SO4 C 2 .  ? -15.871 -5.892  6.246   1.00 26.93 ? 102 SO4 A S   1 
HETATM 321 O O1  . SO4 C 2 .  ? -16.679 -5.145  7.213   1.00 27.55 ? 102 SO4 A O1  1 
HETATM 322 O O2  . SO4 C 2 .  ? -14.539 -5.428  6.214   1.00 26.88 ? 102 SO4 A O2  1 
HETATM 323 O O3  . SO4 C 2 .  ? -15.909 -7.294  6.617   1.00 36.55 ? 102 SO4 A O3  1 
HETATM 324 O O4  . SO4 C 2 .  ? -16.427 -5.761  4.922   1.00 34.18 ? 102 SO4 A O4  1 
HETATM 325 O O   . HOH D 3 .  ? 2.111   -7.201  -12.345 1.00 21.00 ? 201 HOH A O   1 
HETATM 326 O O   . HOH D 3 .  ? -13.708 7.222   9.073   1.00 19.13 ? 202 HOH A O   1 
HETATM 327 O O   . HOH D 3 .  ? 17.693  7.429   -8.170  1.00 39.15 ? 203 HOH A O   1 
HETATM 328 O O   . HOH D 3 .  ? 3.289   -4.286  -0.146  1.00 23.28 ? 204 HOH A O   1 
HETATM 329 O O   . HOH D 3 .  ? -10.035 -1.625  5.426   1.00 15.72 ? 205 HOH A O   1 
HETATM 330 O O   . HOH D 3 .  ? 1.273   -5.633  4.762   1.00 26.93 ? 206 HOH A O   1 
HETATM 331 O O   . HOH D 3 .  ? -2.720  6.101   10.660  1.00 22.74 ? 207 HOH A O   1 
HETATM 332 O O   . HOH D 3 .  ? 15.247  -3.395  -5.495  1.00 24.10 ? 208 HOH A O   1 
HETATM 333 O O   . HOH D 3 .  ? 21.371  2.683   -6.775  1.00 38.66 ? 209 HOH A O   1 
HETATM 334 O O   . HOH D 3 .  ? 24.380  14.194  -0.989  1.00 22.09 ? 210 HOH A O   1 
HETATM 335 O O   . HOH D 3 .  ? 3.818   4.123   6.669   1.00 34.34 ? 211 HOH A O   1 
HETATM 336 O O   . HOH D 3 .  ? 7.353   -10.238 1.526   1.00 33.41 ? 212 HOH A O   1 
HETATM 337 O O   . HOH D 3 .  ? 4.105   -7.274  1.407   1.00 37.46 ? 213 HOH A O   1 
HETATM 338 O O   . HOH D 3 .  ? -1.278  -7.275  -6.242  1.00 22.07 ? 214 HOH A O   1 
HETATM 339 O O   . HOH D 3 .  ? -14.700 4.732   5.570   1.00 22.03 ? 215 HOH A O   1 
HETATM 340 O O   . HOH D 3 .  ? -6.967  -0.279  7.825   1.00 19.29 ? 216 HOH A O   1 
HETATM 341 O O   . HOH D 3 .  ? 3.479   -7.202  -1.152  1.00 21.04 ? 217 HOH A O   1 
HETATM 342 O O   . HOH D 3 .  ? 5.647   -9.908  -6.361  1.00 28.80 ? 218 HOH A O   1 
HETATM 343 O O   . HOH D 3 .  ? -15.708 -2.723  11.098  1.00 18.98 ? 219 HOH A O   1 
HETATM 344 O O   . HOH D 3 .  ? -18.837 5.457   -4.719  1.00 47.50 ? 220 HOH A O   1 
HETATM 345 O O   . HOH D 3 .  ? 1.791   -10.479 -4.458  1.00 42.17 ? 221 HOH A O   1 
HETATM 346 O O   . HOH D 3 .  ? 24.516  10.969  2.252   1.00 18.75 ? 222 HOH A O   1 
HETATM 347 O O   . HOH D 3 .  ? 1.458   5.341   6.328   1.00 27.86 ? 223 HOH A O   1 
HETATM 348 O O   . HOH D 3 .  ? -1.999  -7.452  3.248   1.00 39.37 ? 224 HOH A O   1 
HETATM 349 O O   . HOH D 3 .  ? 14.429  -4.402  -2.977  1.00 34.22 ? 225 HOH A O   1 
HETATM 350 O O   . HOH D 3 .  ? 18.788  -0.314  -6.225  1.00 23.26 ? 226 HOH A O   1 
HETATM 351 O O   . HOH D 3 .  ? -0.356  -9.075  -0.380  1.00 27.22 ? 227 HOH A O   1 
HETATM 352 O O   . HOH D 3 .  ? -16.589 2.933   -1.068  1.00 37.54 ? 228 HOH A O   1 
HETATM 353 O O   . HOH D 3 .  ? -5.896  8.219   7.885   1.00 31.07 ? 229 HOH A O   1 
HETATM 354 O O   . HOH D 3 .  ? -0.064  -4.944  -7.202  1.00 20.21 ? 230 HOH A O   1 
HETATM 355 O O   . HOH D 3 .  ? -17.344 -7.795  9.338   0.33 86.13 ? 231 HOH A O   1 
HETATM 356 O O   . HOH D 3 .  ? -7.794  1.508   9.457   1.00 24.01 ? 232 HOH A O   1 
HETATM 357 O O   . HOH D 3 .  ? 1.897   -9.336  -1.938  1.00 27.75 ? 233 HOH A O   1 
HETATM 358 O O   . HOH D 3 .  ? -15.022 7.052   6.754   1.00 29.81 ? 234 HOH A O   1 
HETATM 359 O O   . HOH D 3 .  ? 0.671   3.859   10.586  1.00 59.47 ? 235 HOH A O   1 
HETATM 360 O O   . HOH D 3 .  ? 2.174   -6.834  -14.974 1.00 34.70 ? 236 HOH A O   1 
HETATM 361 O O   . HOH D 3 .  ? -17.266 4.782   1.122   1.00 32.36 ? 237 HOH A O   1 
HETATM 362 O O   . HOH D 3 .  ? 0.029   6.943   10.964  1.00 44.44 ? 238 HOH A O   1 
HETATM 363 O O   . HOH D 3 .  ? 2.036   -7.956  6.046   1.00 38.99 ? 239 HOH A O   1 
HETATM 364 O O   . HOH D 3 .  ? 4.043   -11.562 -4.896  1.00 40.33 ? 240 HOH A O   1 
HETATM 365 O O   . HOH D 3 .  ? 15.914  7.736   -10.306 1.00 28.72 ? 241 HOH A O   1 
HETATM 366 O O   . HOH D 3 .  ? 3.011   3.281   9.467   1.00 47.18 ? 242 HOH A O   1 
HETATM 367 O O   . HOH D 3 .  ? 3.195   -11.397 -0.336  1.00 48.52 ? 243 HOH A O   1 
# 
loop_
_atom_site_anisotrop.id 
_atom_site_anisotrop.type_symbol 
_atom_site_anisotrop.pdbx_label_atom_id 
_atom_site_anisotrop.pdbx_label_alt_id 
_atom_site_anisotrop.pdbx_label_comp_id 
_atom_site_anisotrop.pdbx_label_asym_id 
_atom_site_anisotrop.pdbx_label_seq_id 
_atom_site_anisotrop.pdbx_PDB_ins_code 
_atom_site_anisotrop.U[1][1] 
_atom_site_anisotrop.U[2][2] 
_atom_site_anisotrop.U[3][3] 
_atom_site_anisotrop.U[1][2] 
_atom_site_anisotrop.U[1][3] 
_atom_site_anisotrop.U[2][3] 
_atom_site_anisotrop.pdbx_auth_seq_id 
_atom_site_anisotrop.pdbx_auth_comp_id 
_atom_site_anisotrop.pdbx_auth_asym_id 
_atom_site_anisotrop.pdbx_auth_atom_id 
1   N N   . ALA A 1  ? 0.2555 0.3785 0.3459 -0.0414 -0.0418 0.0484  1   ALA A N   
2   C CA  . ALA A 1  ? 0.2426 0.3736 0.3041 -0.0034 -0.0063 0.0405  1   ALA A CA  
3   C C   . ALA A 1  ? 0.2474 0.3384 0.2603 0.0030  -0.0021 0.0483  1   ALA A C   
4   O O   . ALA A 1  ? 0.2818 0.3040 0.3004 -0.0218 -0.0406 0.0325  1   ALA A O   
5   C CB  . ALA A 1  ? 0.2765 0.4307 0.3902 0.0201  0.0209  0.0075  1   ALA A CB  
6   N N   . PRO A 2  ? 0.2414 0.3089 0.2179 0.0193  -0.0139 0.0172  2   PRO A N   
7   C CA  . PRO A 2  ? 0.2351 0.2907 0.1989 0.0131  -0.0081 0.0149  2   PRO A CA  
8   C C   . PRO A 2  ? 0.2135 0.2532 0.1938 0.0180  0.0142  0.0052  2   PRO A C   
9   O O   . PRO A 2  ? 0.2562 0.2890 0.2197 0.0623  0.0093  -0.0063 2   PRO A O   
10  C CB  . PRO A 2  ? 0.2608 0.3394 0.2163 -0.0098 -0.0096 0.0559  2   PRO A CB  
11  C CG  . PRO A 2  ? 0.2928 0.3050 0.2738 0.0176  -0.0044 0.0421  2   PRO A CG  
12  C CD  . PRO A 2  ? 0.2733 0.3282 0.2383 0.0410  -0.0267 0.0304  2   PRO A CD  
13  N N   . VAL A 3  ? 0.2031 0.2318 0.1742 0.0084  0.0211  0.0101  3   VAL A N   
14  C CA  . VAL A 3  ? 0.2045 0.2362 0.1658 0.0141  0.0228  -0.0005 3   VAL A CA  
15  C C   . VAL A 3  ? 0.2087 0.2185 0.1566 0.0036  0.0281  0.0004  3   VAL A C   
16  O O   . VAL A 3  ? 0.2068 0.2230 0.1585 -0.0106 0.0322  -0.0002 3   VAL A O   
17  C CB  . VAL A 3  ? 0.2029 0.2556 0.1755 -0.0011 0.0324  0.0155  3   VAL A CB  
18  C CG1 . VAL A 3  ? 0.2087 0.2774 0.2222 -0.0120 0.0425  0.0195  3   VAL A CG1 
19  C CG2 . VAL A 3  ? 0.2082 0.2320 0.2112 -0.0012 0.0374  0.0240  3   VAL A CG2 
20  N N   . PRO A 4  ? 0.2199 0.2295 0.1693 0.0116  0.0221  -0.0171 4   PRO A N   
21  C CA  . PRO A 4  ? 0.2349 0.2119 0.1864 0.0021  -0.0017 -0.0212 4   PRO A CA  
22  C C   . PRO A 4  ? 0.2211 0.1964 0.1590 -0.0065 0.0160  -0.0141 4   PRO A C   
23  O O   . PRO A 4  ? 0.2301 0.2126 0.1921 -0.0033 0.0435  0.0140  4   PRO A O   
24  C CB  . PRO A 4  ? 0.2909 0.2566 0.2373 0.0415  -0.0124 -0.0739 4   PRO A CB  
25  C CG  . PRO A 4  ? 0.2924 0.2929 0.2289 0.0201  0.0220  -0.0630 4   PRO A CG  
26  C CD  . PRO A 4  ? 0.2407 0.2731 0.1785 0.0346  0.0308  -0.0195 4   PRO A CD  
27  N N   . VAL A 5  ? 0.2142 0.1788 0.2394 -0.0127 -0.0014 -0.0059 5   VAL A N   
28  C CA  . VAL A 5  ? 0.2021 0.1785 0.2045 -0.0191 -0.0055 -0.0250 5   VAL A CA  
29  C C   . VAL A 5  ? 0.2223 0.2070 0.2046 -0.0068 -0.0015 -0.0470 5   VAL A C   
30  O O   . VAL A 5  ? 0.2859 0.2068 0.2633 -0.0101 -0.0213 -0.0643 5   VAL A O   
31  C CB  . VAL A 5  ? 0.2189 0.1790 0.1974 -0.0193 0.0023  -0.0113 5   VAL A CB  
32  C CG1 . VAL A 5  ? 0.2052 0.1832 0.1878 -0.0131 0.0048  -0.0182 5   VAL A CG1 
33  C CG2 . VAL A 5  ? 0.2207 0.1898 0.1982 -0.0106 -0.0042 0.0048  5   VAL A CG2 
34  N N   . THR A 6  ? 0.2237 0.2243 0.1651 0.0101  0.0040  -0.0409 6   THR A N   
35  C CA  . THR A 6  ? 0.2411 0.3013 0.1615 0.0400  0.0049  -0.0566 6   THR A CA  
36  C C   . THR A 6  ? 0.2181 0.2519 0.1630 -0.0063 0.0229  -0.0485 6   THR A C   
37  O O   . THR A 6  ? 0.2340 0.2898 0.1872 0.0046  0.0096  -0.0806 6   THR A O   
38  C CB  . THR A 6  ? 0.2060 0.5368 0.1278 0.0171  0.0267  -0.0073 6   THR A CB  
39  O OG1 . THR A 6  ? 0.2487 0.4401 0.3145 -0.0553 0.0320  0.1141  6   THR A OG1 
40  C CG2 . THR A 6  ? 0.2222 0.5498 0.1893 0.0505  0.0182  -0.0840 6   THR A CG2 
41  N N   . LYS A 7  ? 0.2011 0.2249 0.1523 -0.0036 0.0116  -0.0297 7   LYS A N   
42  C CA  . LYS A 7  ? 0.1972 0.2597 0.1569 -0.0044 0.0111  -0.0388 7   LYS A CA  
43  C C   . LYS A 7  ? 0.1877 0.2045 0.1578 -0.0153 0.0060  -0.0298 7   LYS A C   
44  O O   . LYS A 7  ? 0.1852 0.2353 0.1538 -0.0306 0.0087  -0.0346 7   LYS A O   
45  C CB  . LYS A 7  ? 0.2384 0.3206 0.1505 0.0175  0.0084  -0.0045 7   LYS A CB  
46  C CG  . LYS A 7  ? 0.2592 0.4191 0.1883 0.0356  -0.0025 0.0314  7   LYS A CG  
47  C CD  . LYS A 7  ? 0.3642 0.4112 0.1975 0.0648  -0.0070 0.0218  7   LYS A CD  
48  C CE  . LYS A 7  ? 0.3971 0.5032 0.2625 0.0702  -0.0427 0.0901  7   LYS A CE  
49  N NZ  . LYS A 7  ? 0.4421 0.5011 0.3160 0.0502  -0.0257 0.1147  7   LYS A NZ  
50  N N   . LEU A 8  ? 0.1908 0.2224 0.1596 -0.0216 0.0174  -0.0408 8   LEU A N   
51  C CA  . LEU A 8  ? 0.1752 0.2030 0.1509 -0.0178 0.0085  -0.0251 8   LEU A CA  
52  C C   . LEU A 8  ? 0.1810 0.1936 0.1366 -0.0196 -0.0018 -0.0133 8   LEU A C   
53  O O   . LEU A 8  ? 0.1858 0.2096 0.1525 -0.0168 -0.0104 -0.0214 8   LEU A O   
54  C CB  . LEU A 8  ? 0.1767 0.1991 0.1757 -0.0152 -0.0096 -0.0194 8   LEU A CB  
55  C CG  . LEU A 8  ? 0.1752 0.2032 0.1696 -0.0080 -0.0053 -0.0009 8   LEU A CG  
56  C CD1 . LEU A 8  ? 0.2029 0.2280 0.1587 -0.0112 -0.0055 -0.0044 8   LEU A CD1 
57  C CD2 . LEU A 8  ? 0.1947 0.2269 0.2103 -0.0120 -0.0132 0.0250  8   LEU A CD2 
58  N N   . VAL A 9  ? 0.1807 0.1926 0.1394 -0.0113 -0.0134 -0.0161 9   VAL A N   
59  C CA  . VAL A 9  ? 0.1839 0.2036 0.1491 -0.0071 -0.0189 -0.0104 9   VAL A CA  
60  C C   . VAL A 9  ? 0.1846 0.1901 0.1570 -0.0081 -0.0200 -0.0199 9   VAL A C   
61  O O   . VAL A 9  ? 0.1881 0.2285 0.1551 -0.0042 -0.0187 -0.0241 9   VAL A O   
62  C CB  . VAL A 9  ? 0.1990 0.2115 0.1701 -0.0122 -0.0255 0.0037  9   VAL A CB  
63  C CG1 . VAL A 9  ? 0.2416 0.2395 0.1690 -0.0188 -0.0101 0.0077  9   VAL A CG1 
64  C CG2 . VAL A 9  ? 0.2127 0.2128 0.1941 -0.0155 -0.0295 0.0042  9   VAL A CG2 
65  N N   . CYS A 10 ? 0.1791 0.2015 0.1567 -0.0006 -0.0172 -0.0246 10  CYS A N   
66  C CA  . CYS A 10 ? 0.1815 0.2051 0.1632 -0.0065 -0.0124 -0.0278 10  CYS A CA  
67  C C   . CYS A 10 ? 0.1834 0.2054 0.1931 -0.0006 -0.0300 -0.0403 10  CYS A C   
68  O O   . CYS A 10 ? 0.2141 0.2315 0.1904 0.0151  -0.0330 -0.0274 10  CYS A O   
69  C CB  . CYS A 10 ? 0.2072 0.2114 0.1899 -0.0073 0.0007  -0.0199 10  CYS A CB  
70  S SG  . CYS A 10 ? 0.2218 0.2073 0.1967 -0.0036 -0.0005 -0.0182 10  CYS A SG  
71  N N   . ASP A 11 ? 0.2114 0.2293 0.1891 0.0356  -0.0262 -0.0371 11  ASP A N   
72  C CA  . ASP A 11 ? 0.2059 0.2157 0.2171 0.0202  -0.0300 -0.0340 11  ASP A CA  
73  C C   . ASP A 11 ? 0.2092 0.2179 0.2155 0.0256  -0.0370 -0.0284 11  ASP A C   
74  O O   . ASP A 11 ? 0.2189 0.2342 0.2048 0.0320  -0.0151 -0.0464 11  ASP A O   
75  C CB  . ASP A 11 ? 0.2232 0.2441 0.2403 0.0024  -0.0089 -0.0255 11  ASP A CB  
76  C CG  . ASP A 11 ? 0.2566 0.2409 0.2557 0.0041  0.0170  -0.0199 11  ASP A CG  
77  O OD1 . ASP A 11 ? 0.2774 0.2227 0.3950 0.0412  0.0609  0.0191  11  ASP A OD1 
78  O OD2 . ASP A 11 ? 0.2824 0.2656 0.3112 -0.0223 0.0250  -0.0025 11  ASP A OD2 
79  N N   . GLY A 12 ? 0.2070 0.2375 0.2227 0.0182  -0.0382 -0.0265 12  GLY A N   
80  C CA  . GLY A 12 ? 0.2063 0.2510 0.2612 0.0216  -0.0261 -0.0237 12  GLY A CA  
81  C C   . GLY A 12 ? 0.2191 0.2534 0.2605 0.0356  -0.0186 -0.0101 12  GLY A C   
82  O O   . GLY A 12 ? 0.2775 0.2927 0.3226 0.0547  0.0429  -0.0023 12  GLY A O   
83  N N   . ASP A 13 ? 0.2231 0.2294 0.2747 0.0458  -0.0307 -0.0210 13  ASP A N   
84  C CA  . ASP A 13 ? 0.2451 0.2404 0.2957 0.0683  -0.0401 -0.0322 13  ASP A CA  
85  C C   . ASP A 13 ? 0.2533 0.2127 0.2997 0.0504  -0.0380 -0.0437 13  ASP A C   
86  O O   . ASP A 13 ? 0.3035 0.2871 0.4559 0.0951  -0.0699 -0.1454 13  ASP A O   
87  C CB  . ASP A 13 ? 0.2944 0.2624 0.3209 0.0942  -0.0238 -0.0052 13  ASP A CB  
88  C CG  . ASP A 13 ? 0.2942 0.3209 0.3235 0.0852  -0.0193 -0.0007 13  ASP A CG  
89  O OD1 . ASP A 13 ? 0.2896 0.5160 0.3380 0.0960  -0.0197 -0.0103 13  ASP A OD1 
90  O OD2 . ASP A 13 ? 0.3574 0.4245 0.3228 0.0714  -0.0404 -0.0212 13  ASP A OD2 
91  N N   . THR A 14 ? 0.2316 0.2043 0.2254 0.0401  -0.0058 -0.0218 14  THR A N   
92  C CA  . THR A 14 ? 0.2337 0.1822 0.2278 0.0234  -0.0050 -0.0210 14  THR A CA  
93  C C   . THR A 14 ? 0.2026 0.1878 0.1976 0.0212  0.0074  -0.0331 14  THR A C   
94  O O   . THR A 14 ? 0.2266 0.1766 0.2140 0.0072  -0.0053 -0.0343 14  THR A O   
95  C CB  . THR A 14 ? 0.2408 0.2050 0.2211 0.0002  -0.0006 -0.0129 14  THR A CB  
96  O OG1 . THR A 14 ? 0.2250 0.2105 0.2099 0.0041  -0.0008 -0.0228 14  THR A OG1 
97  C CG2 . THR A 14 ? 0.2912 0.2394 0.2511 0.0055  0.0204  0.0118  14  THR A CG2 
98  N N   . TYR A 15 ? 0.1919 0.1882 0.1900 0.0239  -0.0006 -0.0324 15  TYR A N   
99  C CA  . TYR A 15 ? 0.1872 0.1826 0.1996 0.0160  0.0050  -0.0288 15  TYR A CA  
100 C C   . TYR A 15 ? 0.1862 0.1659 0.1742 0.0142  0.0037  -0.0317 15  TYR A C   
101 O O   . TYR A 15 ? 0.1884 0.1743 0.1669 0.0062  0.0081  -0.0297 15  TYR A O   
102 C CB  . TYR A 15 ? 0.1988 0.2006 0.2022 0.0232  0.0101  -0.0292 15  TYR A CB  
103 C CG  . TYR A 15 ? 0.2112 0.2485 0.2378 0.0528  0.0352  -0.0534 15  TYR A CG  
104 C CD1 . TYR A 15 ? 0.2182 0.2694 0.2543 0.0282  0.0355  -0.0194 15  TYR A CD1 
105 C CD2 . TYR A 15 ? 0.2453 0.4607 0.2574 0.0332  0.0410  -0.0069 15  TYR A CD2 
106 C CE1 . TYR A 15 ? 0.2137 0.3072 0.2882 -0.0042 0.0130  -0.0273 15  TYR A CE1 
107 C CE2 . TYR A 15 ? 0.2425 0.4793 0.2832 0.0037  0.0372  -0.0233 15  TYR A CE2 
108 C CZ  . TYR A 15 ? 0.2143 0.3175 0.3036 0.0140  0.0243  -0.0695 15  TYR A CZ  
109 O OH  . TYR A 15 ? 0.2073 0.3703 0.3613 0.0173  0.0265  -0.0934 15  TYR A OH  
110 N N   . LYS A 16 ? 0.1817 0.1806 0.1638 0.0129  0.0000  -0.0304 16  LYS A N   
111 C CA  . LYS A 16 ? 0.1766 0.1747 0.1649 0.0117  0.0018  -0.0223 16  LYS A CA  
112 C C   . LYS A 16 ? 0.1720 0.1811 0.1543 0.0111  -0.0046 -0.0233 16  LYS A C   
113 O O   . LYS A 16 ? 0.1931 0.2058 0.1654 0.0298  -0.0169 -0.0304 16  LYS A O   
114 C CB  . LYS A 16 ? 0.1865 0.1757 0.1757 0.0067  0.0037  -0.0304 16  LYS A CB  
115 C CG  . LYS A 16 ? 0.1990 0.1894 0.1923 -0.0081 0.0031  -0.0378 16  LYS A CG  
116 C CD  . LYS A 16 ? 0.2247 0.2053 0.2403 -0.0154 0.0253  -0.0529 16  LYS A CD  
117 C CE  . LYS A 16 ? 0.2686 0.2300 0.2496 -0.0333 0.0307  -0.0581 16  LYS A CE  
118 N NZ  . LYS A 16 ? 0.2879 0.2291 0.2739 -0.0313 0.0115  -0.0439 16  LYS A NZ  
119 N N   . CYS A 17 ? 0.1648 0.1789 0.1427 0.0083  -0.0024 -0.0215 17  CYS A N   
120 C CA  . CYS A 17 ? 0.1713 0.1766 0.1382 -0.0028 -0.0027 -0.0233 17  CYS A CA  
121 C C   . CYS A 17 ? 0.1628 0.1753 0.1421 0.0084  -0.0060 -0.0223 17  CYS A C   
122 O O   . CYS A 17 ? 0.1696 0.1910 0.1428 -0.0024 -0.0075 -0.0245 17  CYS A O   
123 C CB  . CYS A 17 ? 0.1913 0.1743 0.1671 0.0014  0.0076  -0.0194 17  CYS A CB  
124 S SG  . CYS A 17 ? 0.2056 0.1978 0.1886 -0.0188 0.0007  -0.0097 17  CYS A SG  
125 N N   . THR A 18 ? 0.1729 0.1927 0.1401 -0.0058 -0.0021 -0.0252 18  THR A N   
126 C CA  . THR A 18 ? 0.1650 0.1943 0.1554 -0.0057 0.0009  -0.0326 18  THR A CA  
127 C C   . THR A 18 ? 0.1704 0.1917 0.1475 -0.0127 0.0060  -0.0230 18  THR A C   
128 O O   . THR A 18 ? 0.1788 0.2011 0.1510 -0.0060 -0.0056 -0.0325 18  THR A O   
129 C CB  . THR A 18 ? 0.1816 0.1999 0.1700 -0.0067 -0.0014 -0.0229 18  THR A CB  
130 O OG1 . THR A 18 ? 0.2119 0.1954 0.1938 -0.0023 0.0028  -0.0289 18  THR A OG1 
131 C CG2 . THR A 18 ? 0.1986 0.2044 0.1943 -0.0190 0.0033  -0.0114 18  THR A CG2 
132 N N   . ALA A 19 ? 0.1668 0.1967 0.1459 -0.0116 0.0043  -0.0303 19  ALA A N   
133 C CA  . ALA A 19 ? 0.1670 0.1792 0.1413 -0.0118 0.0014  -0.0246 19  ALA A CA  
134 C C   . ALA A 19 ? 0.1731 0.1648 0.1423 -0.0064 0.0081  -0.0224 19  ALA A C   
135 O O   . ALA A 19 ? 0.1805 0.1961 0.1481 -0.0244 0.0087  -0.0262 19  ALA A O   
136 C CB  . ALA A 19 ? 0.1856 0.1816 0.1515 -0.0127 0.0093  -0.0156 19  ALA A CB  
137 N N   . TYR A 20 ? 0.1781 0.1901 0.1405 -0.0110 0.0072  -0.0127 20  TYR A N   
138 C CA  . TYR A 20 ? 0.1883 0.1904 0.1499 -0.0102 0.0137  -0.0145 20  TYR A CA  
139 C C   . TYR A 20 ? 0.1919 0.1835 0.1469 -0.0156 0.0263  -0.0094 20  TYR A C   
140 O O   . TYR A 20 ? 0.2031 0.1868 0.1968 -0.0174 0.0215  -0.0269 20  TYR A O   
141 C CB  . TYR A 20 ? 0.2151 0.2143 0.1526 -0.0118 0.0166  -0.0056 20  TYR A CB  
142 C CG  . TYR A 20 ? 0.2376 0.2224 0.1569 0.0025  0.0019  0.0101  20  TYR A CG  
143 C CD1 . TYR A 20 ? 0.2424 0.2570 0.1775 0.0149  0.0044  0.0221  20  TYR A CD1 
144 C CD2 . TYR A 20 ? 0.2471 0.2232 0.1924 -0.0015 0.0033  0.0160  20  TYR A CD2 
145 C CE1 . TYR A 20 ? 0.2560 0.2706 0.2223 0.0361  0.0066  0.0137  20  TYR A CE1 
146 C CE2 . TYR A 20 ? 0.2970 0.2251 0.2123 0.0061  -0.0109 0.0162  20  TYR A CE2 
147 C CZ  . TYR A 20 ? 0.2935 0.2493 0.2234 0.0363  -0.0047 0.0158  20  TYR A CZ  
148 O OH  . TYR A 20 ? 0.3303 0.2557 0.3066 0.0536  -0.0065 0.0163  20  TYR A OH  
149 N N   . LEU A 21 ? 0.1877 0.1771 0.1564 -0.0171 0.0234  -0.0121 21  LEU A N   
150 C CA  . LEU A 21 ? 0.1922 0.1810 0.1606 -0.0078 0.0272  -0.0139 21  LEU A CA  
151 C C   . LEU A 21 ? 0.1919 0.1856 0.1516 -0.0097 0.0236  -0.0127 21  LEU A C   
152 O O   . LEU A 21 ? 0.2074 0.1928 0.1633 -0.0162 0.0309  -0.0053 21  LEU A O   
153 C CB  . LEU A 21 ? 0.1981 0.1901 0.1607 -0.0040 0.0258  -0.0100 21  LEU A CB  
154 C CG  . LEU A 21 ? 0.2185 0.2030 0.1584 0.0078  0.0121  -0.0117 21  LEU A CG  
155 C CD1 . LEU A 21 ? 0.2558 0.2237 0.1695 -0.0078 -0.0069 -0.0094 21  LEU A CD1 
156 C CD2 . LEU A 21 ? 0.2307 0.2168 0.1542 0.0105  0.0369  0.0034  21  LEU A CD2 
157 N N   . ASP A 22 ? 0.1976 0.1842 0.1560 -0.0090 0.0308  -0.0114 22  ASP A N   
158 C CA  . ASP A 22 ? 0.2030 0.1960 0.1523 -0.0037 0.0297  -0.0114 22  ASP A CA  
159 C C   . ASP A 22 ? 0.2069 0.2034 0.1410 -0.0009 0.0295  -0.0067 22  ASP A C   
160 O O   . ASP A 22 ? 0.2106 0.2158 0.1765 0.0076  0.0293  0.0088  22  ASP A O   
161 C CB  . ASP A 22 ? 0.2256 0.2041 0.1709 -0.0066 0.0389  -0.0136 22  ASP A CB  
162 C CG  . ASP A 22 ? 0.2407 0.2099 0.1584 0.0109  0.0324  -0.0053 22  ASP A CG  
163 O OD1 . ASP A 22 ? 0.2406 0.2242 0.1734 0.0051  0.0394  -0.0142 22  ASP A OD1 
164 O OD2 . ASP A 22 ? 0.3066 0.2088 0.1975 0.0315  0.0635  -0.0125 22  ASP A OD2 
165 N N   . PHE A 23 ? 0.1966 0.2106 0.1499 -0.0057 0.0265  0.0027  23  PHE A N   
166 C CA  . PHE A 23 ? 0.1910 0.2200 0.1589 -0.0010 0.0228  0.0023  23  PHE A CA  
167 C C   . PHE A 23 ? 0.1970 0.2077 0.1658 -0.0096 0.0283  -0.0052 23  PHE A C   
168 O O   . PHE A 23 ? 0.2013 0.2123 0.1798 -0.0122 0.0217  0.0141  23  PHE A O   
169 C CB  . PHE A 23 ? 0.1976 0.2261 0.1578 -0.0157 0.0207  0.0115  23  PHE A CB  
170 C CG  . PHE A 23 ? 0.2142 0.2428 0.1548 -0.0163 0.0113  0.0017  23  PHE A CG  
171 C CD1 . PHE A 23 ? 0.2230 0.2551 0.1782 -0.0101 0.0110  -0.0019 23  PHE A CD1 
172 C CD2 . PHE A 23 ? 0.2527 0.2466 0.2027 -0.0174 0.0142  -0.0130 23  PHE A CD2 
173 C CE1 . PHE A 23 ? 0.2303 0.3070 0.2177 -0.0278 -0.0096 0.0023  23  PHE A CE1 
174 C CE2 . PHE A 23 ? 0.3004 0.2644 0.2333 -0.0526 -0.0086 -0.0292 23  PHE A CE2 
175 C CZ  . PHE A 23 ? 0.2565 0.3228 0.2319 -0.0549 -0.0111 -0.0250 23  PHE A CZ  
176 N N   . GLY A 24 ? 0.1932 0.2246 0.1854 -0.0110 0.0168  0.0032  24  GLY A N   
177 C CA  . GLY A 24 ? 0.2162 0.2200 0.1817 -0.0159 0.0141  -0.0033 24  GLY A CA  
178 C C   . GLY A 24 ? 0.2198 0.1910 0.1865 -0.0162 0.0260  -0.0088 24  GLY A C   
179 O O   . GLY A 24 ? 0.2366 0.1981 0.1867 -0.0046 0.0316  -0.0091 24  GLY A O   
180 N N   . ASP A 25 ? 0.2241 0.2088 0.1694 -0.0059 0.0278  -0.0125 25  ASP A N   
181 C CA  . ASP A 25 ? 0.2222 0.2083 0.1758 -0.0088 0.0201  -0.0047 25  ASP A CA  
182 C C   . ASP A 25 ? 0.2271 0.2116 0.1477 0.0032  0.0193  -0.0079 25  ASP A C   
183 O O   . ASP A 25 ? 0.2399 0.2146 0.1728 0.0014  0.0176  0.0099  25  ASP A O   
184 C CB  . ASP A 25 ? 0.2372 0.2105 0.2145 -0.0107 0.0285  0.0176  25  ASP A CB  
185 C CG  . ASP A 25 ? 0.2697 0.1958 0.2189 -0.0159 0.0167  -0.0066 25  ASP A CG  
186 O OD1 . ASP A 25 ? 0.2652 0.2053 0.2263 -0.0279 0.0463  -0.0256 25  ASP A OD1 
187 O OD2 . ASP A 25 ? 0.3012 0.1954 0.2746 -0.0141 0.0212  0.0053  25  ASP A OD2 
188 N N   . GLY A 26 ? 0.2168 0.2089 0.1597 -0.0035 0.0195  0.0043  26  GLY A N   
189 C CA  . GLY A 26 ? 0.2200 0.2014 0.1582 -0.0018 0.0182  -0.0058 26  GLY A CA  
190 C C   . GLY A 26 ? 0.2197 0.1883 0.1662 -0.0027 0.0184  -0.0035 26  GLY A C   
191 O O   . GLY A 26 ? 0.2145 0.2125 0.1866 0.0069  0.0151  -0.0275 26  GLY A O   
192 N N   . ARG A 27 ? 0.2281 0.1915 0.1571 -0.0040 0.0162  -0.0049 27  ARG A N   
193 C CA  . ARG A 27 ? 0.2483 0.1926 0.1556 0.0166  0.0173  -0.0121 27  ARG A CA  
194 C C   . ARG A 27 ? 0.2284 0.1896 0.1563 -0.0050 0.0173  -0.0049 27  ARG A C   
195 O O   . ARG A 27 ? 0.2845 0.1966 0.1615 0.0160  0.0139  -0.0125 27  ARG A O   
196 C CB  . ARG A 27 ? 0.3107 0.2031 0.1640 0.0312  0.0250  0.0009  27  ARG A CB  
197 C CG  . ARG A 27 ? 0.3084 0.2521 0.1775 0.0447  0.0292  0.0116  27  ARG A CG  
198 C CD  . ARG A 27 ? 0.2918 0.2265 0.1809 0.0167  -0.0007 -0.0250 27  ARG A CD  
199 N NE  . ARG A 27 ? 0.2936 0.2209 0.1633 0.0277  -0.0002 -0.0250 27  ARG A NE  
200 C CZ  . ARG A 27 ? 0.2403 0.2216 0.1465 -0.0052 0.0192  -0.0156 27  ARG A CZ  
201 N NH1 . ARG A 27 ? 0.2265 0.2355 0.1667 0.0061  0.0051  -0.0264 27  ARG A NH1 
202 N NH2 . ARG A 27 ? 0.2524 0.2420 0.1508 -0.0006 0.0091  -0.0199 27  ARG A NH2 
203 N N   . TRP A 28 ? 0.2011 0.1838 0.1494 -0.0218 0.0123  -0.0025 28  TRP A N   
204 C CA  . TRP A 28 ? 0.2022 0.1882 0.1514 -0.0290 0.0023  -0.0043 28  TRP A CA  
205 C C   . TRP A 28 ? 0.1978 0.1726 0.1562 -0.0216 0.0075  -0.0048 28  TRP A C   
206 O O   . TRP A 28 ? 0.2159 0.1818 0.1611 -0.0323 0.0107  -0.0156 28  TRP A O   
207 C CB  . TRP A 28 ? 0.2074 0.2110 0.1531 -0.0292 0.0065  0.0032  28  TRP A CB  
208 C CG  . TRP A 28 ? 0.1979 0.2233 0.1804 -0.0241 0.0000  0.0023  28  TRP A CG  
209 C CD1 . TRP A 28 ? 0.2232 0.2486 0.2039 -0.0319 0.0209  -0.0118 28  TRP A CD1 
210 C CD2 . TRP A 28 ? 0.2045 0.2421 0.2173 -0.0283 -0.0244 -0.0060 28  TRP A CD2 
211 N NE1 . TRP A 28 ? 0.2273 0.2661 0.2843 -0.0546 0.0438  -0.0176 28  TRP A NE1 
212 C CE2 . TRP A 28 ? 0.2120 0.2686 0.2717 -0.0379 -0.0114 -0.0053 28  TRP A CE2 
213 C CE3 . TRP A 28 ? 0.2465 0.2932 0.2044 -0.0260 -0.0427 -0.0136 28  TRP A CE3 
214 C CZ2 . TRP A 28 ? 0.2278 0.3378 0.3584 -0.0741 -0.0309 -0.0264 28  TRP A CZ2 
215 C CZ3 . TRP A 28 ? 0.3273 0.3183 0.2356 -0.0406 -0.0638 -0.0418 28  TRP A CZ3 
216 C CH2 . TRP A 28 ? 0.2831 0.3647 0.3275 -0.0470 -0.0820 -0.0266 28  TRP A CH2 
217 N N   . VAL A 29 ? 0.1885 0.1792 0.1474 -0.0280 0.0027  -0.0087 29  VAL A N   
218 C CA  . VAL A 29 ? 0.1860 0.1770 0.1532 -0.0237 -0.0018 -0.0114 29  VAL A CA  
219 C C   . VAL A 29 ? 0.1718 0.1794 0.1547 -0.0209 -0.0011 -0.0173 29  VAL A C   
220 O O   . VAL A 29 ? 0.2052 0.1907 0.1540 -0.0415 -0.0092 -0.0092 29  VAL A O   
221 C CB  . VAL A 29 ? 0.1891 0.1837 0.1702 -0.0163 -0.0031 -0.0079 29  VAL A CB  
222 C CG1 . VAL A 29 ? 0.2161 0.1833 0.1804 -0.0131 -0.0125 0.0042  29  VAL A CG1 
223 C CG2 . VAL A 29 ? 0.2032 0.1939 0.1983 -0.0091 -0.0064 -0.0228 29  VAL A CG2 
224 N N   . ALA A 30 ? 0.1733 0.1686 0.1454 -0.0161 0.0022  -0.0176 30  ALA A N   
225 C CA  . ALA A 30 ? 0.1732 0.1737 0.1373 -0.0129 0.0035  -0.0170 30  ALA A CA  
226 C C   . ALA A 30 ? 0.1681 0.1689 0.1467 -0.0113 0.0056  -0.0210 30  ALA A C   
227 O O   . ALA A 30 ? 0.1735 0.2529 0.1620 -0.0015 -0.0081 -0.0600 30  ALA A O   
228 C CB  . ALA A 30 ? 0.1859 0.1783 0.1624 -0.0112 0.0088  -0.0153 30  ALA A CB  
229 N N   . GLN A 31 ? 0.1636 0.1763 0.1445 -0.0139 0.0007  -0.0220 31  GLN A N   
230 C CA  . GLN A 31 ? 0.1705 0.1718 0.1499 -0.0122 0.0016  -0.0185 31  GLN A CA  
231 C C   . GLN A 31 ? 0.1729 0.1733 0.1466 -0.0075 -0.0056 -0.0207 31  GLN A C   
232 O O   . GLN A 31 ? 0.1755 0.2171 0.1473 -0.0153 0.0000  -0.0400 31  GLN A O   
233 C CB  . GLN A 31 ? 0.1845 0.1727 0.1740 -0.0154 0.0019  -0.0192 31  GLN A CB  
234 C CG  . GLN A 31 ? 0.1907 0.1811 0.1806 -0.0061 0.0009  -0.0217 31  GLN A CG  
235 C CD  . GLN A 31 ? 0.2105 0.1734 0.2000 -0.0058 -0.0123 -0.0229 31  GLN A CD  
236 O OE1 . GLN A 31 ? 0.2724 0.2229 0.2115 -0.0116 -0.0163 -0.0046 31  GLN A OE1 
237 N NE2 . GLN A 31 ? 0.2203 0.1581 0.1982 -0.0122 0.0029  -0.0240 31  GLN A NE2 
238 N N   . TRP A 32 ? 0.1685 0.1762 0.1413 -0.0047 -0.0069 -0.0171 32  TRP A N   
239 C CA  . TRP A 32 ? 0.1741 0.1848 0.1425 -0.0044 -0.0025 -0.0200 32  TRP A CA  
240 C C   . TRP A 32 ? 0.1756 0.1776 0.1426 -0.0045 -0.0024 -0.0163 32  TRP A C   
241 O O   . TRP A 32 ? 0.1717 0.1839 0.1472 0.0015  -0.0022 -0.0212 32  TRP A O   
242 C CB  . TRP A 32 ? 0.1770 0.1925 0.1485 0.0105  0.0072  -0.0033 32  TRP A CB  
243 C CG  . TRP A 32 ? 0.1772 0.1757 0.1620 0.0073  0.0061  -0.0004 32  TRP A CG  
244 C CD1 . TRP A 32 ? 0.1917 0.1794 0.1944 0.0089  0.0300  -0.0087 32  TRP A CD1 
245 C CD2 . TRP A 32 ? 0.1754 0.1722 0.1502 0.0034  0.0038  0.0004  32  TRP A CD2 
246 N NE1 . TRP A 32 ? 0.1769 0.1759 0.2106 -0.0004 0.0223  -0.0154 32  TRP A NE1 
247 C CE2 . TRP A 32 ? 0.1707 0.1702 0.1764 -0.0017 0.0032  0.0059  32  TRP A CE2 
248 C CE3 . TRP A 32 ? 0.1794 0.1963 0.1444 -0.0131 0.0024  -0.0068 32  TRP A CE3 
249 C CZ2 . TRP A 32 ? 0.1800 0.1761 0.1790 0.0007  -0.0071 -0.0073 32  TRP A CZ2 
250 C CZ3 . TRP A 32 ? 0.1876 0.2080 0.1517 -0.0112 0.0098  -0.0169 32  TRP A CZ3 
251 C CH2 . TRP A 32 ? 0.1964 0.1899 0.1524 -0.0038 -0.0076 -0.0174 32  TRP A CH2 
252 N N   . ASP A 33 ? 0.1778 0.1864 0.1434 -0.0083 0.0031  -0.0305 33  ASP A N   
253 C CA  . ASP A 33 ? 0.1843 0.1790 0.1606 -0.0052 0.0040  -0.0363 33  ASP A CA  
254 C C   . ASP A 33 ? 0.1831 0.1846 0.1659 -0.0058 0.0004  -0.0276 33  ASP A C   
255 O O   . ASP A 33 ? 0.1891 0.1937 0.1969 -0.0074 -0.0174 -0.0134 33  ASP A O   
256 C CB  . ASP A 33 ? 0.1739 0.2037 0.1658 -0.0119 0.0103  -0.0384 33  ASP A CB  
257 C CG  . ASP A 33 ? 0.1924 0.2080 0.1875 -0.0163 0.0135  -0.0552 33  ASP A CG  
258 O OD1 . ASP A 33 ? 0.2252 0.2058 0.2115 -0.0292 0.0190  -0.0532 33  ASP A OD1 
259 O OD2 . ASP A 33 ? 0.2533 0.2362 0.1983 -0.0234 0.0064  -0.0745 33  ASP A OD2 
260 N N   . THR A 34 ? 0.1783 0.1693 0.1707 -0.0057 0.0015  -0.0379 34  THR A N   
261 C CA  . THR A 34 ? 0.1817 0.1614 0.1843 -0.0037 0.0000  -0.0361 34  THR A CA  
262 C C   . THR A 34 ? 0.1793 0.1693 0.1705 -0.0004 0.0023  -0.0277 34  THR A C   
263 O O   . THR A 34 ? 0.1843 0.1735 0.2396 -0.0011 0.0194  -0.0229 34  THR A O   
264 C CB  . THR A 34 ? 0.2077 0.1586 0.2022 -0.0297 -0.0064 -0.0437 34  THR A CB  
265 O OG1 . THR A 34 ? 0.2980 0.2607 0.2079 0.0422  -0.0710 -0.0612 34  THR A OG1 
266 C CG2 . THR A 34 ? 0.2305 0.2360 0.2364 -0.0022 0.0079  -0.0392 34  THR A CG2 
267 N N   . ASN A 35 ? 0.1771 0.1659 0.1761 0.0003  0.0061  -0.0330 35  ASN A N   
268 C CA  . ASN A 35 ? 0.1764 0.1779 0.1754 -0.0005 0.0058  -0.0437 35  ASN A CA  
269 C C   . ASN A 35 ? 0.1855 0.1574 0.1912 -0.0004 0.0016  -0.0315 35  ASN A C   
270 O O   . ASN A 35 ? 0.1921 0.1782 0.1835 0.0149  -0.0025 -0.0297 35  ASN A O   
271 C CB  . ASN A 35 ? 0.1784 0.1781 0.1932 -0.0008 0.0146  -0.0350 35  ASN A CB  
272 C CG  . ASN A 35 ? 0.1928 0.1788 0.1797 0.0017  0.0300  -0.0357 35  ASN A CG  
273 O OD1 . ASN A 35 ? 0.2161 0.1844 0.1889 0.0078  0.0323  -0.0347 35  ASN A OD1 
274 N ND2 . ASN A 35 ? 0.1987 0.1976 0.1869 0.0108  0.0151  -0.0382 35  ASN A ND2 
275 N N   . VAL A 36 ? 0.1767 0.1810 0.2078 0.0135  -0.0069 -0.0544 36  VAL A N   
276 C CA  . VAL A 36 ? 0.1776 0.1830 0.2187 0.0152  -0.0191 -0.0485 36  VAL A CA  
277 C C   . VAL A 36 ? 0.1807 0.1883 0.2378 0.0235  -0.0128 -0.0593 36  VAL A C   
278 O O   . VAL A 36 ? 0.1890 0.2161 0.2873 0.0293  -0.0260 -0.0975 36  VAL A O   
279 C CB  . VAL A 36 ? 0.2062 0.1886 0.2302 0.0127  -0.0334 -0.0312 36  VAL A CB  
280 C CG1 . VAL A 36 ? 0.2379 0.2147 0.2458 -0.0064 -0.0550 -0.0093 36  VAL A CG1 
281 C CG2 . VAL A 36 ? 0.2253 0.1964 0.2218 0.0090  -0.0111 0.0085  36  VAL A CG2 
282 N N   . PHE A 37 ? 0.1651 0.2030 0.2359 0.0169  -0.0133 -0.0700 37  PHE A N   
283 C CA  . PHE A 37 ? 0.1729 0.2217 0.2339 0.0125  0.0014  -0.0725 37  PHE A CA  
284 C C   . PHE A 37 ? 0.1683 0.2187 0.2084 0.0065  0.0073  -0.0529 37  PHE A C   
285 O O   . PHE A 37 ? 0.1713 0.2053 0.1939 0.0072  0.0080  -0.0521 37  PHE A O   
286 C CB  . PHE A 37 ? 0.1844 0.2853 0.2272 0.0020  0.0141  -0.0765 37  PHE A CB  
287 C CG  . PHE A 37 ? 0.1910 0.2991 0.1825 0.0077  0.0114  -0.0543 37  PHE A CG  
288 C CD1 . PHE A 37 ? 0.2063 0.2964 0.1934 0.0033  0.0004  -0.0332 37  PHE A CD1 
289 C CD2 . PHE A 37 ? 0.1896 0.3373 0.1983 0.0044  0.0149  -0.0666 37  PHE A CD2 
290 C CE1 . PHE A 37 ? 0.2563 0.2923 0.2085 0.0151  0.0183  -0.0274 37  PHE A CE1 
291 C CE2 . PHE A 37 ? 0.2097 0.3583 0.2135 0.0319  0.0119  -0.0463 37  PHE A CE2 
292 C CZ  . PHE A 37 ? 0.2510 0.3236 0.1807 0.0423  0.0301  -0.0269 37  PHE A CZ  
293 N N   . HIS A 38 ? 0.1716 0.2329 0.2246 0.0013  0.0033  -0.0729 38  HIS A N   
294 C CA  . HIS A 38 ? 0.1765 0.2439 0.2122 -0.0055 0.0111  -0.0606 38  HIS A CA  
295 C C   . HIS A 38 ? 0.1973 0.2579 0.2049 -0.0167 0.0251  -0.0527 38  HIS A C   
296 O O   . HIS A 38 ? 0.2561 0.3121 0.2518 -0.0187 0.0810  -0.0603 38  HIS A O   
297 C CB  . HIS A 38 ? 0.1767 0.2510 0.2667 0.0030  -0.0007 -0.0792 38  HIS A CB  
298 C CG  . HIS A 38 ? 0.2002 0.2822 0.2794 0.0125  -0.0095 -0.0617 38  HIS A CG  
299 N ND1 . HIS A 38 ? 0.2860 0.3670 0.2724 0.0399  -0.0445 -0.0920 38  HIS A ND1 
300 C CD2 . HIS A 38 ? 0.2393 0.3720 0.2841 0.0482  -0.0490 -0.0805 38  HIS A CD2 
301 C CE1 . HIS A 38 ? 0.2800 0.3795 0.2512 0.0028  -0.0246 -0.1025 38  HIS A CE1 
302 N NE2 . HIS A 38 ? 0.2486 0.5096 0.3046 -0.0049 -0.0420 -0.1326 38  HIS A NE2 
303 N N   . THR A 39 ? 0.2422 0.2400 0.1969 -0.0112 0.0311  -0.0345 39  THR A N   
304 C CA  . THR A 39 ? 0.2639 0.2704 0.2061 -0.0282 0.0328  -0.0157 39  THR A CA  
305 C C   . THR A 39 ? 0.2601 0.3117 0.2490 -0.0265 0.0180  -0.0264 39  THR A C   
306 O O   . THR A 39 ? 0.2917 0.3133 0.3033 -0.0540 -0.0275 -0.0087 39  THR A O   
307 C CB  . THR A 39 ? 0.2888 0.2771 0.2489 -0.0080 -0.0035 0.0003  39  THR A CB  
308 O OG1 . THR A 39 ? 0.3361 0.3097 0.2917 -0.0176 -0.0267 0.0329  39  THR A OG1 
309 C CG2 . THR A 39 ? 0.2613 0.2737 0.2642 0.0032  0.0243  0.0003  39  THR A CG2 
310 N N   . GLY A 40 ? 0.3249 0.3219 0.2685 -0.0685 -0.0023 -0.0249 40  GLY A N   
311 C CA  . GLY A 40 ? 0.2906 0.3274 0.3059 -0.0598 0.0283  -0.0485 40  GLY A CA  
312 C C   . GLY A 40 ? 0.2786 0.3545 0.3466 -0.0496 0.0157  -0.0860 40  GLY A C   
313 O O   . GLY A 40 ? 0.3074 0.3955 0.3660 -0.0287 0.0348  -0.1181 40  GLY A O   
314 O OXT . GLY A 40 ? 0.3004 0.4369 0.4068 -0.0434 -0.0009 -0.1505 40  GLY A OXT 
315 S S   . SO4 B .  ? 0.2532 0.2796 0.1875 -0.0188 0.0057  0.0004  101 SO4 A S   
316 O O1  . SO4 B .  ? 0.2821 0.3269 0.2283 0.0282  0.0340  0.0114  101 SO4 A O1  
317 O O2  . SO4 B .  ? 0.2668 0.3013 0.1971 -0.0439 0.0224  0.0064  101 SO4 A O2  
318 O O3  . SO4 B .  ? 0.3119 0.2675 0.2444 -0.0318 0.0579  -0.0208 101 SO4 A O3  
319 O O4  . SO4 B .  ? 0.3226 0.3998 0.1958 -0.0135 -0.0221 0.0190  101 SO4 A O4  
320 S S   . SO4 C .  ? 0.3110 0.3768 0.3355 -0.0031 0.0174  -0.0400 102 SO4 A S   
321 O O1  . SO4 C .  ? 0.2599 0.4703 0.3165 -0.0195 0.0360  -0.0859 102 SO4 A O1  
322 O O2  . SO4 C .  ? 0.3222 0.3477 0.3513 -0.0637 0.1031  -0.0527 102 SO4 A O2  
323 O O3  . SO4 C .  ? 0.5127 0.3711 0.5048 -0.1139 0.0658  0.0127  102 SO4 A O3  
324 O O4  . SO4 C .  ? 0.3910 0.5430 0.3647 0.0388  -0.0920 -0.1182 102 SO4 A O4  
325 O O   . HOH D .  ? 0.2694 0.2467 0.2818 -0.0206 -0.0281 -0.0689 201 HOH A O   
326 O O   . HOH D .  ? 0.2924 0.2452 0.1889 0.0457  0.0425  0.0032  202 HOH A O   
327 O O   . HOH D .  ? 0.4522 0.6871 0.3481 -0.1981 -0.0479 0.0803  203 HOH A O   
328 O O   . HOH D .  ? 0.2318 0.3064 0.3460 0.0595  0.0563  0.1020  204 HOH A O   
329 O O   . HOH D .  ? 0.2196 0.2002 0.1774 -0.0124 0.0274  -0.0008 205 HOH A O   
330 O O   . HOH D .  ? 0.3381 0.3462 0.3390 0.0221  0.0011  0.0154  206 HOH A O   
331 O O   . HOH D .  ? 0.3434 0.2955 0.2250 -0.0530 0.0681  -0.0641 207 HOH A O   
332 O O   . HOH D .  ? 0.2568 0.3183 0.3406 0.0379  0.0345  -0.0287 208 HOH A O   
333 O O   . HOH D .  ? 0.3680 0.6467 0.4540 0.0313  0.0776  -0.1785 209 HOH A O   
334 O O   . HOH D .  ? 0.2470 0.3378 0.2544 -0.0161 0.0082  0.0541  210 HOH A O   
335 O O   . HOH D .  ? 0.3457 0.6294 0.3294 -0.0993 0.0223  -0.1741 211 HOH A O   
336 O O   . HOH D .  ? 0.5849 0.2784 0.4063 -0.0035 0.0040  0.0241  212 HOH A O   
337 O O   . HOH D .  ? 0.3183 0.8202 0.2848 -0.1022 0.0152  -0.1274 213 HOH A O   
338 O O   . HOH D .  ? 0.2864 0.2920 0.2598 -0.0937 -0.0756 0.0245  214 HOH A O   
339 O O   . HOH D .  ? 0.2563 0.3470 0.2336 0.0536  -0.0029 -0.0396 215 HOH A O   
340 O O   . HOH D .  ? 0.2690 0.2468 0.2172 -0.0243 -0.0154 0.0027  216 HOH A O   
341 O O   . HOH D .  ? 0.2507 0.2500 0.2985 0.0202  0.0345  0.0117  217 HOH A O   
342 O O   . HOH D .  ? 0.5218 0.2458 0.3265 -0.0363 -0.1278 -0.0136 218 HOH A O   
343 O O   . HOH D .  ? 0.2754 0.2386 0.2070 0.0392  0.0598  -0.0051 219 HOH A O   
344 O O   . HOH D .  ? 0.5700 0.4788 0.7557 0.0231  -0.0335 -0.0937 220 HOH A O   
345 O O   . HOH D .  ? 0.9468 0.3016 0.3534 0.0368  -0.1100 0.0128  221 HOH A O   
346 O O   . HOH D .  ? 0.2583 0.2564 0.1975 0.0079  0.0143  0.0091  222 HOH A O   
347 O O   . HOH D .  ? 0.3125 0.3917 0.3541 -0.0897 0.0320  -0.1850 223 HOH A O   
348 O O   . HOH D .  ? 0.4587 0.6322 0.4046 -0.0720 0.0191  -0.0804 224 HOH A O   
349 O O   . HOH D .  ? 0.4314 0.4526 0.4160 -0.0245 0.0743  -0.0016 225 HOH A O   
350 O O   . HOH D .  ? 0.2293 0.3030 0.3513 0.0389  0.0365  -0.1241 226 HOH A O   
351 O O   . HOH D .  ? 0.4240 0.2574 0.3527 -0.0110 -0.0133 0.0469  227 HOH A O   
352 O O   . HOH D .  ? 0.4393 0.7145 0.2724 -0.2033 0.0506  0.0182  228 HOH A O   
353 O O   . HOH D .  ? 0.4188 0.5041 0.2576 -0.0104 0.0391  -0.0715 229 HOH A O   
354 O O   . HOH D .  ? 0.2485 0.2340 0.2853 -0.0106 0.0254  -0.0236 230 HOH A O   
355 O O   . HOH D .  ? 1.1671 1.1265 0.9788 0.1542  -0.4018 -0.0530 231 HOH A O   
356 O O   . HOH D .  ? 0.3095 0.3495 0.2531 0.0229  0.0603  0.0138  232 HOH A O   
357 O O   . HOH D .  ? 0.3964 0.3201 0.3378 -0.0697 -0.0337 -0.0260 233 HOH A O   
358 O O   . HOH D .  ? 0.4432 0.4128 0.2762 0.0664  -0.0579 -0.0378 234 HOH A O   
359 O O   . HOH D .  ? 0.5686 0.8513 0.8393 -0.0953 0.0513  0.1309  235 HOH A O   
360 O O   . HOH D .  ? 0.5389 0.4981 0.2813 -0.1133 0.0071  0.0016  236 HOH A O   
361 O O   . HOH D .  ? 0.4109 0.5306 0.2879 0.0615  0.0352  0.0358  237 HOH A O   
362 O O   . HOH D .  ? 0.4548 0.7965 0.4369 -0.2216 -0.0278 -0.0575 238 HOH A O   
363 O O   . HOH D .  ? 0.4238 0.4247 0.6330 0.0167  0.0127  0.1686  239 HOH A O   
364 O O   . HOH D .  ? 0.5930 0.4010 0.5380 -0.0308 0.0660  0.0302  240 HOH A O   
365 O O   . HOH D .  ? 0.3130 0.3650 0.4131 -0.0490 0.0141  -0.0563 241 HOH A O   
366 O O   . HOH D .  ? 0.5130 0.8946 0.3849 0.1824  -0.0595 0.0040  242 HOH A O   
367 O O   . HOH D .  ? 0.5158 0.4452 0.8824 0.0249  0.1348  0.2106  243 HOH A O   
# 
